data_3MCV
#
_entry.id   3MCV
#
_cell.length_a   74.502
_cell.length_b   89.819
_cell.length_c   82.260
_cell.angle_alpha   90.00
_cell.angle_beta   115.49
_cell.angle_gamma   90.00
#
_symmetry.space_group_name_H-M   'P 1 21 1'
#
loop_
_entity.id
_entity.type
_entity.pdbx_description
1 polymer 'Pteridine reductase'
2 non-polymer 'NADP NICOTINAMIDE-ADENINE-DINUCLEOTIDE PHOSPHATE'
3 non-polymer 5-[2-(2,5-dimethoxyphenyl)ethyl]thieno[2,3-d]pyrimidine-2,4-diamine
4 non-polymer 'ACETATE ION'
5 water water
#
_entity_poly.entity_id   1
_entity_poly.type   'polypeptide(L)'
_entity_poly.pdbx_seq_one_letter_code
;MGSSHHHHHHSSGLVPRGSHMEAPAAVVTGAAKRIGRAIAVKLHQTGYRVVIHYHNSAEAAVSLADELNKERSNTAVVCQ
ADLTNSNVLPASCEEIINSCFRAFGRCDVLVNNASAFYPTPLVQGDHEDNSNGKTVETQVAELIGTNAIAPFLLTMSFAQ
RQKGTNPNCTSSNLSIVNLCDAMVDQPCMAFSLYNMGKHALVGLTQSAALELAPYGIRVNGVAPGVSLLPVAMGEEEKDK
WRRKVPLGRREASAEQIADAVIFLVSGSAQYITGSIIKVDGGLSLVHA
;
_entity_poly.pdbx_strand_id   A,B,C,D
#
loop_
_chem_comp.id
_chem_comp.type
_chem_comp.name
_chem_comp.formula
ACT non-polymer 'ACETATE ION' 'C2 H3 O2 -1'
MCV non-polymer 5-[2-(2,5-dimethoxyphenyl)ethyl]thieno[2,3-d]pyrimidine-2,4-diamine 'C16 H18 N4 O2 S'
NAP non-polymer 'NADP NICOTINAMIDE-ADENINE-DINUCLEOTIDE PHOSPHATE' 'C21 H28 N7 O17 P3'
#
# COMPACT_ATOMS: atom_id res chain seq x y z
N GLU A 22 40.74 -2.94 7.09
CA GLU A 22 40.00 -2.98 8.39
C GLU A 22 38.61 -3.56 8.16
N ALA A 23 38.14 -4.36 9.11
CA ALA A 23 36.84 -4.99 9.03
C ALA A 23 35.76 -3.99 9.40
N PRO A 24 34.59 -4.04 8.74
CA PRO A 24 33.52 -3.14 9.13
C PRO A 24 32.89 -3.55 10.46
N ALA A 25 32.07 -2.68 11.03
CA ALA A 25 31.47 -2.92 12.34
C ALA A 25 29.97 -2.69 12.31
N ALA A 26 29.24 -3.51 13.07
CA ALA A 26 27.77 -3.42 13.10
C ALA A 26 27.25 -3.44 14.54
N VAL A 27 26.19 -2.65 14.80
CA VAL A 27 25.41 -2.76 16.02
C VAL A 27 24.10 -3.51 15.73
N VAL A 28 23.82 -4.57 16.51
CA VAL A 28 22.55 -5.28 16.40
C VAL A 28 21.86 -5.15 17.77
N THR A 29 20.69 -4.53 17.79
CA THR A 29 19.97 -4.39 19.05
C THR A 29 19.21 -5.69 19.38
N GLY A 30 19.07 -5.98 20.65
CA GLY A 30 18.40 -7.22 21.08
C GLY A 30 18.97 -8.47 20.45
N ALA A 31 20.30 -8.57 20.47
CA ALA A 31 21.05 -9.58 19.71
C ALA A 31 21.47 -10.83 20.53
N ALA A 32 20.99 -10.96 21.76
CA ALA A 32 21.40 -12.08 22.61
C ALA A 32 20.86 -13.43 22.14
N LYS A 33 19.68 -13.39 21.52
CA LYS A 33 19.00 -14.62 21.15
CA LYS A 33 18.89 -14.59 21.22
C LYS A 33 18.12 -14.48 19.91
N ARG A 34 17.57 -15.59 19.48
CA ARG A 34 16.53 -15.57 18.45
C ARG A 34 16.99 -14.82 17.19
N ILE A 35 16.16 -13.97 16.60
CA ILE A 35 16.51 -13.34 15.30
C ILE A 35 17.71 -12.42 15.41
N GLY A 36 17.77 -11.67 16.50
CA GLY A 36 18.89 -10.75 16.73
C GLY A 36 20.22 -11.46 16.75
N ARG A 37 20.26 -12.60 17.43
CA ARG A 37 21.49 -13.39 17.46
C ARG A 37 21.82 -13.90 16.06
N ALA A 38 20.80 -14.38 15.34
CA ALA A 38 21.04 -14.93 14.01
C ALA A 38 21.63 -13.86 13.08
N ILE A 39 21.15 -12.63 13.20
CA ILE A 39 21.70 -11.50 12.43
C ILE A 39 23.15 -11.19 12.84
N ALA A 40 23.43 -11.09 14.14
CA ALA A 40 24.79 -10.88 14.63
C ALA A 40 25.75 -11.97 14.13
N VAL A 41 25.31 -13.23 14.21
CA VAL A 41 26.12 -14.36 13.77
C VAL A 41 26.42 -14.26 12.27
N LYS A 42 25.40 -13.99 11.46
CA LYS A 42 25.60 -13.92 10.03
C LYS A 42 26.48 -12.73 9.62
N LEU A 43 26.31 -11.59 10.26
CA LEU A 43 27.19 -10.44 10.01
C LEU A 43 28.62 -10.80 10.36
N HIS A 44 28.78 -11.48 11.49
CA HIS A 44 30.11 -11.88 11.93
C HIS A 44 30.72 -12.86 10.95
N GLN A 45 29.93 -13.84 10.50
CA GLN A 45 30.39 -14.81 9.48
C GLN A 45 30.77 -14.14 8.17
N THR A 46 30.14 -13.01 7.87
CA THR A 46 30.44 -12.19 6.69
C THR A 46 31.68 -11.31 6.85
N GLY A 47 32.24 -11.20 8.06
CA GLY A 47 33.46 -10.44 8.29
C GLY A 47 33.28 -9.19 9.13
N TYR A 48 32.06 -8.94 9.61
CA TYR A 48 31.82 -7.81 10.53
C TYR A 48 32.29 -8.09 11.94
N ARG A 49 32.77 -7.04 12.60
CA ARG A 49 32.83 -6.99 14.06
C ARG A 49 31.47 -6.51 14.55
N VAL A 50 31.03 -7.02 15.70
CA VAL A 50 29.67 -6.80 16.15
C VAL A 50 29.54 -6.34 17.60
N VAL A 51 28.66 -5.36 17.81
CA VAL A 51 28.15 -5.00 19.13
C VAL A 51 26.83 -5.75 19.35
N ILE A 52 26.85 -6.64 20.33
CA ILE A 52 25.69 -7.42 20.73
C ILE A 52 24.98 -6.61 21.83
N HIS A 53 23.98 -5.83 21.43
CA HIS A 53 23.21 -5.08 22.42
C HIS A 53 22.20 -6.03 23.07
N TYR A 54 21.96 -5.82 24.36
CA TYR A 54 20.99 -6.62 25.09
C TYR A 54 20.39 -5.77 26.22
N HIS A 55 19.29 -6.26 26.78
CA HIS A 55 18.64 -5.57 27.89
C HIS A 55 18.75 -6.46 29.12
N ASN A 56 17.93 -7.51 29.18
CA ASN A 56 17.95 -8.41 30.32
C ASN A 56 18.80 -9.69 30.13
N SER A 57 19.08 -10.07 28.88
CA SER A 57 19.68 -11.40 28.61
C SER A 57 21.21 -11.36 28.62
N ALA A 58 21.76 -11.08 29.79
CA ALA A 58 23.21 -10.86 29.94
C ALA A 58 24.01 -12.13 29.66
N GLU A 59 23.54 -13.23 30.25
CA GLU A 59 24.23 -14.50 30.12
C GLU A 59 24.30 -14.93 28.65
N ALA A 60 23.17 -14.83 27.95
CA ALA A 60 23.07 -15.21 26.57
C ALA A 60 23.93 -14.29 25.69
N ALA A 61 23.93 -12.99 26.01
CA ALA A 61 24.71 -12.01 25.24
C ALA A 61 26.22 -12.30 25.34
N VAL A 62 26.69 -12.50 26.56
CA VAL A 62 28.09 -12.85 26.83
C VAL A 62 28.48 -14.19 26.20
N SER A 63 27.58 -15.17 26.25
CA SER A 63 27.83 -16.47 25.64
C SER A 63 28.04 -16.35 24.13
N LEU A 64 27.20 -15.52 23.50
CA LEU A 64 27.35 -15.27 22.08
C LEU A 64 28.66 -14.57 21.77
N ALA A 65 28.97 -13.51 22.52
CA ALA A 65 30.20 -12.76 22.27
C ALA A 65 31.42 -13.67 22.41
N ASP A 66 31.39 -14.54 23.42
CA ASP A 66 32.46 -15.52 23.63
C ASP A 66 32.66 -16.44 22.42
N GLU A 67 31.56 -17.02 21.95
CA GLU A 67 31.61 -17.85 20.75
C GLU A 67 32.22 -17.08 19.58
N LEU A 68 31.77 -15.86 19.36
CA LEU A 68 32.28 -15.10 18.21
C LEU A 68 33.76 -14.70 18.34
N ASN A 69 34.19 -14.32 19.55
CA ASN A 69 35.60 -13.98 19.81
C ASN A 69 36.53 -15.20 19.73
N LYS A 70 36.00 -16.38 20.05
CA LYS A 70 36.73 -17.62 19.85
C LYS A 70 36.98 -17.88 18.36
N GLU A 71 36.03 -17.48 17.52
CA GLU A 71 36.21 -17.61 16.08
C GLU A 71 37.24 -16.61 15.57
N ARG A 72 37.11 -15.36 15.99
CA ARG A 72 38.06 -14.30 15.66
C ARG A 72 38.21 -13.39 16.85
N SER A 73 39.41 -13.31 17.41
CA SER A 73 39.66 -12.53 18.61
C SER A 73 39.30 -11.05 18.44
N ASN A 74 38.70 -10.47 19.49
CA ASN A 74 38.38 -9.04 19.56
C ASN A 74 37.46 -8.56 18.44
N THR A 75 36.48 -9.37 18.10
CA THR A 75 35.51 -8.99 17.06
C THR A 75 34.07 -8.87 17.58
N ALA A 76 33.84 -9.10 18.87
CA ALA A 76 32.48 -8.98 19.44
C ALA A 76 32.56 -8.39 20.84
N VAL A 77 31.68 -7.42 21.11
CA VAL A 77 31.49 -6.90 22.48
C VAL A 77 30.02 -6.84 22.77
N VAL A 78 29.66 -6.84 24.07
CA VAL A 78 28.26 -6.66 24.47
C VAL A 78 28.03 -5.22 24.92
N CYS A 79 26.77 -4.79 24.84
CA CYS A 79 26.39 -3.45 25.29
C CYS A 79 24.99 -3.52 25.86
N GLN A 80 24.86 -3.24 27.15
CA GLN A 80 23.54 -3.30 27.80
C GLN A 80 22.84 -1.95 27.72
N ALA A 81 21.55 -1.98 27.38
CA ALA A 81 20.72 -0.77 27.49
C ALA A 81 19.24 -1.12 27.47
N ASP A 82 18.50 -0.43 28.33
CA ASP A 82 17.04 -0.37 28.23
C ASP A 82 16.67 0.61 27.12
N LEU A 83 15.84 0.16 26.18
CA LEU A 83 15.33 1.00 25.07
C LEU A 83 13.88 1.45 25.25
N THR A 84 13.35 1.30 26.47
CA THR A 84 12.08 1.90 26.85
C THR A 84 12.18 3.42 26.67
N ASN A 85 11.11 4.05 26.20
CA ASN A 85 11.14 5.51 26.08
C ASN A 85 11.28 6.16 27.47
N SER A 86 12.11 7.20 27.52
CA SER A 86 12.29 8.03 28.71
C SER A 86 13.07 9.28 28.30
N ASN A 87 13.27 10.22 29.22
CA ASN A 87 14.08 11.40 28.88
C ASN A 87 15.59 11.12 28.72
N VAL A 88 16.05 9.96 29.16
CA VAL A 88 17.45 9.56 29.01
CA VAL A 88 17.45 9.56 29.02
C VAL A 88 17.67 8.61 27.83
N LEU A 89 16.60 8.13 27.20
CA LEU A 89 16.74 7.25 26.05
C LEU A 89 17.69 7.83 24.98
N PRO A 90 17.59 9.15 24.66
CA PRO A 90 18.54 9.64 23.66
C PRO A 90 20.01 9.39 24.06
N ALA A 91 20.34 9.63 25.33
CA ALA A 91 21.69 9.37 25.84
C ALA A 91 22.07 7.88 25.74
N SER A 92 21.12 7.00 26.06
CA SER A 92 21.35 5.56 25.96
C SER A 92 21.64 5.12 24.53
N CYS A 93 20.89 5.68 23.59
CA CYS A 93 21.06 5.34 22.18
C CYS A 93 22.39 5.87 21.67
N GLU A 94 22.70 7.09 22.07
CA GLU A 94 24.00 7.66 21.74
C GLU A 94 25.14 6.79 22.26
N GLU A 95 24.99 6.26 23.46
CA GLU A 95 26.03 5.44 24.08
C GLU A 95 26.18 4.10 23.37
N ILE A 96 25.06 3.53 22.87
CA ILE A 96 25.16 2.31 22.07
C ILE A 96 26.05 2.50 20.83
N ILE A 97 25.83 3.58 20.10
CA ILE A 97 26.64 3.85 18.93
C ILE A 97 28.08 4.15 19.36
N ASN A 98 28.22 4.96 20.41
CA ASN A 98 29.56 5.23 20.98
C ASN A 98 30.31 3.94 21.31
N SER A 99 29.60 2.94 21.84
CA SER A 99 30.25 1.68 22.21
C SER A 99 30.86 0.96 21.01
N CYS A 100 30.23 1.07 19.84
CA CYS A 100 30.76 0.48 18.61
C CYS A 100 32.04 1.21 18.17
N PHE A 101 32.02 2.54 18.18
CA PHE A 101 33.23 3.30 17.89
C PHE A 101 34.35 3.05 18.91
N ARG A 102 34.00 2.90 20.18
CA ARG A 102 35.00 2.64 21.23
C ARG A 102 35.69 1.30 20.98
N ALA A 103 34.90 0.29 20.66
CA ALA A 103 35.42 -1.06 20.47
C ALA A 103 36.18 -1.19 19.16
N PHE A 104 35.63 -0.63 18.08
CA PHE A 104 36.06 -0.97 16.73
C PHE A 104 36.48 0.20 15.84
N GLY A 105 36.26 1.42 16.30
CA GLY A 105 36.73 2.63 15.60
C GLY A 105 35.88 3.09 14.44
N ARG A 106 34.73 2.43 14.29
CA ARG A 106 33.81 2.72 13.20
C ARG A 106 32.48 2.04 13.51
N CYS A 107 31.47 2.41 12.72
CA CYS A 107 30.14 1.83 12.82
C CYS A 107 29.49 1.96 11.45
N ASP A 108 29.45 0.84 10.73
CA ASP A 108 29.02 0.81 9.32
C ASP A 108 27.56 0.43 9.17
N VAL A 109 27.08 -0.43 10.07
CA VAL A 109 25.74 -0.98 10.03
C VAL A 109 25.03 -0.91 11.39
N LEU A 110 23.75 -0.52 11.34
CA LEU A 110 22.88 -0.55 12.51
C LEU A 110 21.69 -1.42 12.17
N VAL A 111 21.40 -2.41 13.01
CA VAL A 111 20.22 -3.23 12.84
C VAL A 111 19.31 -3.03 14.06
N ASN A 112 18.13 -2.45 13.78
CA ASN A 112 17.14 -2.19 14.81
C ASN A 112 16.21 -3.38 14.89
N ASN A 113 16.59 -4.28 15.81
CA ASN A 113 15.90 -5.55 16.05
C ASN A 113 15.15 -5.64 17.36
N ALA A 114 15.69 -5.07 18.42
CA ALA A 114 15.06 -5.15 19.76
C ALA A 114 13.62 -4.70 19.72
N SER A 115 12.74 -5.41 20.41
CA SER A 115 11.30 -5.13 20.31
C SER A 115 10.49 -5.76 21.42
N ALA A 116 9.74 -4.94 22.15
CA ALA A 116 8.70 -5.42 23.06
C ALA A 116 7.47 -5.80 22.25
N PHE A 117 6.80 -6.86 22.68
CA PHE A 117 5.70 -7.45 21.93
C PHE A 117 4.75 -8.14 22.91
N TYR A 118 3.57 -7.54 23.12
CA TYR A 118 2.56 -8.09 24.01
C TYR A 118 1.27 -7.33 23.78
N PRO A 119 0.13 -7.93 24.12
CA PRO A 119 -1.13 -7.27 23.86
C PRO A 119 -1.41 -6.07 24.78
N THR A 120 -2.18 -5.12 24.24
CA THR A 120 -2.65 -3.92 24.94
C THR A 120 -4.12 -3.70 24.53
N PRO A 121 -5.03 -4.51 25.11
CA PRO A 121 -6.45 -4.40 24.74
C PRO A 121 -7.01 -3.00 24.94
N LEU A 122 -7.86 -2.55 24.02
CA LEU A 122 -8.47 -1.22 24.12
C LEU A 122 -9.61 -1.18 25.15
N VAL A 123 -10.29 -2.31 25.34
CA VAL A 123 -11.38 -2.38 26.31
C VAL A 123 -11.04 -3.44 27.35
N GLN A 124 -11.17 -3.09 28.62
CA GLN A 124 -10.77 -3.98 29.73
C GLN A 124 -12.00 -4.64 30.34
N GLY A 133 -0.88 -5.59 36.01
CA GLY A 133 0.57 -5.41 35.86
C GLY A 133 0.96 -3.99 35.49
N LYS A 134 1.32 -3.80 34.21
CA LYS A 134 1.96 -2.57 33.77
C LYS A 134 0.96 -1.44 33.58
N THR A 135 1.37 -0.20 33.89
CA THR A 135 0.55 0.99 33.66
C THR A 135 0.50 1.19 32.15
N VAL A 136 -0.51 1.89 31.67
CA VAL A 136 -0.59 2.22 30.23
C VAL A 136 0.62 3.07 29.82
N GLU A 137 1.06 3.97 30.70
CA GLU A 137 2.26 4.79 30.44
C GLU A 137 3.46 3.91 30.15
N THR A 138 3.63 2.85 30.95
CA THR A 138 4.76 1.94 30.77
C THR A 138 4.64 1.14 29.47
N GLN A 139 3.42 0.70 29.17
CA GLN A 139 3.17 -0.02 27.92
C GLN A 139 3.50 0.84 26.70
N VAL A 140 3.03 2.08 26.72
CA VAL A 140 3.38 3.02 25.66
C VAL A 140 4.89 3.18 25.56
N ALA A 141 5.53 3.42 26.70
CA ALA A 141 6.97 3.62 26.73
C ALA A 141 7.77 2.45 26.18
N GLU A 142 7.39 1.23 26.56
CA GLU A 142 8.07 0.03 26.10
C GLU A 142 7.78 -0.29 24.64
N LEU A 143 6.49 -0.29 24.26
CA LEU A 143 6.12 -0.77 22.92
C LEU A 143 6.50 0.27 21.87
N ILE A 144 6.20 1.53 22.12
CA ILE A 144 6.58 2.58 21.20
C ILE A 144 8.08 2.91 21.31
N GLY A 145 8.63 2.85 22.51
CA GLY A 145 10.06 3.11 22.68
C GLY A 145 10.93 2.13 21.94
N THR A 146 10.71 0.83 22.17
CA THR A 146 11.56 -0.19 21.55
C THR A 146 11.34 -0.25 20.05
N ASN A 147 10.10 -0.18 19.60
CA ASN A 147 9.82 -0.43 18.19
C ASN A 147 10.03 0.78 17.29
N ALA A 148 10.00 1.98 17.87
CA ALA A 148 10.01 3.21 17.05
C ALA A 148 10.96 4.32 17.55
N ILE A 149 10.85 4.72 18.81
CA ILE A 149 11.61 5.87 19.28
CA ILE A 149 11.62 5.87 19.30
C ILE A 149 13.11 5.54 19.38
N ALA A 150 13.45 4.39 19.97
CA ALA A 150 14.86 3.98 20.04
C ALA A 150 15.44 3.83 18.62
N PRO A 151 14.76 3.14 17.70
CA PRO A 151 15.25 3.16 16.31
C PRO A 151 15.55 4.56 15.78
N PHE A 152 14.65 5.52 16.03
CA PHE A 152 14.85 6.90 15.56
C PHE A 152 16.09 7.56 16.18
N LEU A 153 16.25 7.43 17.50
CA LEU A 153 17.39 8.02 18.21
C LEU A 153 18.70 7.35 17.81
N LEU A 154 18.68 6.02 17.70
CA LEU A 154 19.84 5.27 17.23
C LEU A 154 20.23 5.68 15.80
N THR A 155 19.21 5.93 14.99
CA THR A 155 19.43 6.43 13.60
C THR A 155 20.10 7.81 13.62
N MET A 156 19.57 8.74 14.42
CA MET A 156 20.18 10.05 14.63
C MET A 156 21.67 9.94 15.04
N SER A 157 21.93 9.14 16.08
CA SER A 157 23.29 9.00 16.61
C SER A 157 24.25 8.37 15.60
N PHE A 158 23.74 7.35 14.90
CA PHE A 158 24.50 6.65 13.87
C PHE A 158 24.90 7.63 12.78
N ALA A 159 23.96 8.45 12.31
CA ALA A 159 24.23 9.40 11.23
C ALA A 159 25.18 10.50 11.71
N GLN A 160 24.98 10.97 12.93
CA GLN A 160 25.75 12.10 13.46
C GLN A 160 27.22 11.73 13.57
N ARG A 161 27.52 10.45 13.79
CA ARG A 161 28.92 9.99 13.96
C ARG A 161 29.71 9.74 12.68
N GLN A 162 29.07 9.74 11.52
CA GLN A 162 29.77 9.35 10.28
C GLN A 162 30.62 10.47 9.70
N SER A 171 33.65 2.30 -1.83
CA SER A 171 34.61 2.51 -0.75
C SER A 171 33.93 2.37 0.63
N SER A 172 32.70 2.87 0.74
CA SER A 172 31.94 2.85 1.98
C SER A 172 30.60 2.17 1.72
N ASN A 173 30.08 1.48 2.71
CA ASN A 173 28.75 0.90 2.54
C ASN A 173 28.00 0.96 3.85
N LEU A 174 27.57 2.18 4.18
CA LEU A 174 26.85 2.45 5.42
C LEU A 174 25.37 2.14 5.24
N SER A 175 24.77 1.43 6.18
CA SER A 175 23.32 1.24 6.12
C SER A 175 22.70 0.83 7.45
N ILE A 176 21.40 1.05 7.49
CA ILE A 176 20.54 0.72 8.60
C ILE A 176 19.49 -0.28 8.09
N VAL A 177 19.22 -1.31 8.88
CA VAL A 177 18.12 -2.24 8.64
C VAL A 177 17.20 -2.30 9.86
N ASN A 178 15.94 -2.01 9.62
CA ASN A 178 14.89 -2.05 10.62
C ASN A 178 14.10 -3.35 10.49
N LEU A 179 13.93 -4.03 11.62
CA LEU A 179 13.12 -5.22 11.64
C LEU A 179 11.68 -4.76 11.81
N CYS A 180 10.93 -4.92 10.73
CA CYS A 180 9.54 -4.50 10.63
C CYS A 180 8.62 -5.70 10.86
N ASP A 181 7.44 -5.70 10.23
CA ASP A 181 6.46 -6.76 10.50
C ASP A 181 5.55 -6.83 9.28
N ALA A 182 5.55 -7.97 8.60
CA ALA A 182 4.74 -8.12 7.38
C ALA A 182 3.24 -8.10 7.61
N MET A 183 2.82 -8.20 8.87
CA MET A 183 1.40 -8.31 9.20
C MET A 183 0.84 -6.98 9.73
N VAL A 184 1.56 -5.88 9.58
CA VAL A 184 1.10 -4.58 10.13
C VAL A 184 -0.26 -4.11 9.59
N ASP A 185 -0.62 -4.52 8.38
CA ASP A 185 -1.95 -4.17 7.85
C ASP A 185 -3.05 -5.21 8.10
N GLN A 186 -2.69 -6.36 8.69
CA GLN A 186 -3.63 -7.38 9.11
C GLN A 186 -3.19 -7.80 10.51
N PRO A 187 -3.27 -6.88 11.45
CA PRO A 187 -2.60 -7.10 12.73
C PRO A 187 -3.28 -8.11 13.66
N CYS A 188 -2.52 -8.63 14.62
CA CYS A 188 -3.09 -9.44 15.69
C CYS A 188 -4.07 -8.61 16.52
N MET A 189 -5.20 -9.21 16.83
CA MET A 189 -6.21 -8.65 17.69
C MET A 189 -5.62 -8.25 19.05
N ALA A 190 -5.96 -7.04 19.49
CA ALA A 190 -5.55 -6.47 20.79
C ALA A 190 -4.08 -6.09 20.93
N PHE A 191 -3.38 -5.87 19.81
CA PHE A 191 -1.97 -5.49 19.79
C PHE A 191 -1.81 -4.07 19.20
N SER A 192 -2.72 -3.16 19.55
CA SER A 192 -2.69 -1.84 18.92
CA SER A 192 -2.71 -1.80 18.96
C SER A 192 -1.38 -1.09 19.13
N LEU A 193 -0.87 -1.01 20.36
CA LEU A 193 0.37 -0.26 20.60
C LEU A 193 1.56 -0.89 19.90
N TYR A 194 1.65 -2.21 19.92
CA TYR A 194 2.72 -2.89 19.19
C TYR A 194 2.63 -2.51 17.68
N ASN A 195 1.43 -2.61 17.13
CA ASN A 195 1.19 -2.32 15.72
CA ASN A 195 1.28 -2.33 15.71
C ASN A 195 1.49 -0.87 15.37
N MET A 196 1.11 0.03 16.27
CA MET A 196 1.41 1.45 16.11
C MET A 196 2.92 1.65 16.01
N GLY A 197 3.66 1.00 16.89
CA GLY A 197 5.13 1.07 16.90
C GLY A 197 5.74 0.58 15.60
N LYS A 198 5.26 -0.57 15.12
CA LYS A 198 5.76 -1.09 13.84
C LYS A 198 5.39 -0.22 12.63
N HIS A 199 4.20 0.38 12.62
CA HIS A 199 3.86 1.36 11.57
C HIS A 199 4.79 2.56 11.63
N ALA A 200 5.03 3.05 12.84
CA ALA A 200 5.95 4.19 13.02
C ALA A 200 7.33 3.84 12.47
N LEU A 201 7.73 2.59 12.65
CA LEU A 201 9.02 2.12 12.14
C LEU A 201 9.09 2.11 10.62
N VAL A 202 7.96 1.81 9.95
CA VAL A 202 7.90 1.92 8.50
C VAL A 202 8.10 3.37 8.13
N GLY A 203 7.41 4.28 8.82
CA GLY A 203 7.61 5.69 8.59
C GLY A 203 9.02 6.19 8.77
N LEU A 204 9.69 5.75 9.84
CA LEU A 204 11.09 6.08 10.06
C LEU A 204 11.95 5.56 8.89
N THR A 205 11.73 4.30 8.50
CA THR A 205 12.52 3.70 7.43
C THR A 205 12.47 4.58 6.19
N GLN A 206 11.26 5.05 5.85
CA GLN A 206 11.07 5.91 4.68
C GLN A 206 11.66 7.32 4.85
N SER A 207 11.32 7.98 5.96
CA SER A 207 11.80 9.30 6.23
C SER A 207 13.33 9.34 6.32
N ALA A 208 13.91 8.36 7.00
CA ALA A 208 15.36 8.30 7.17
C ALA A 208 16.06 7.93 5.86
N ALA A 209 15.44 7.08 5.05
CA ALA A 209 16.01 6.78 3.74
C ALA A 209 16.14 8.06 2.90
N LEU A 210 15.07 8.84 2.91
CA LEU A 210 15.02 10.09 2.16
CA LEU A 210 15.03 10.11 2.17
C LEU A 210 16.09 11.07 2.64
N GLU A 211 16.18 11.24 3.95
CA GLU A 211 16.99 12.31 4.52
C GLU A 211 18.47 11.94 4.59
N LEU A 212 18.76 10.64 4.75
CA LEU A 212 20.15 10.19 4.90
C LEU A 212 20.80 9.77 3.57
N ALA A 213 20.02 9.68 2.50
CA ALA A 213 20.54 9.34 1.18
C ALA A 213 21.74 10.17 0.77
N PRO A 214 21.68 11.51 0.97
CA PRO A 214 22.82 12.38 0.65
C PRO A 214 24.13 12.04 1.38
N TYR A 215 24.01 11.36 2.53
CA TYR A 215 25.17 10.92 3.33
C TYR A 215 25.63 9.50 2.97
N GLY A 216 24.95 8.89 1.97
CA GLY A 216 25.28 7.55 1.53
C GLY A 216 24.87 6.50 2.51
N ILE A 217 23.94 6.85 3.41
CA ILE A 217 23.45 5.89 4.38
C ILE A 217 22.11 5.42 3.82
N ARG A 218 22.07 4.14 3.47
CA ARG A 218 20.83 3.51 3.02
C ARG A 218 20.04 3.04 4.24
N VAL A 219 18.72 3.09 4.15
CA VAL A 219 17.85 2.68 5.24
C VAL A 219 16.73 1.79 4.69
N ASN A 220 16.71 0.54 5.14
CA ASN A 220 15.79 -0.47 4.62
C ASN A 220 15.20 -1.27 5.77
N GLY A 221 14.26 -2.15 5.45
CA GLY A 221 13.66 -3.01 6.43
C GLY A 221 13.48 -4.43 5.95
N VAL A 222 13.37 -5.33 6.92
CA VAL A 222 13.02 -6.72 6.71
C VAL A 222 11.79 -6.99 7.56
N ALA A 223 10.77 -7.54 6.92
CA ALA A 223 9.47 -7.72 7.51
C ALA A 223 9.12 -9.20 7.59
N PRO A 224 9.44 -9.83 8.73
CA PRO A 224 8.99 -11.20 8.88
C PRO A 224 7.48 -11.29 8.99
N GLY A 225 6.94 -12.46 8.66
CA GLY A 225 5.53 -12.76 8.95
C GLY A 225 5.47 -13.52 10.26
N VAL A 226 5.48 -14.86 10.15
CA VAL A 226 5.73 -15.69 11.33
C VAL A 226 7.14 -16.25 11.17
N SER A 227 8.01 -15.85 12.08
CA SER A 227 9.28 -16.52 12.29
C SER A 227 9.24 -17.22 13.67
N LEU A 228 10.32 -17.11 14.43
CA LEU A 228 10.38 -17.84 15.68
C LEU A 228 9.22 -17.45 16.57
N LEU A 229 8.42 -18.44 16.96
CA LEU A 229 7.25 -18.17 17.77
C LEU A 229 7.73 -17.86 19.18
N PRO A 230 6.88 -17.17 19.98
CA PRO A 230 7.23 -16.86 21.35
C PRO A 230 7.48 -18.11 22.18
N VAL A 231 8.46 -18.03 23.08
CA VAL A 231 8.79 -19.16 23.93
C VAL A 231 7.58 -19.60 24.77
N ALA A 232 6.79 -18.63 25.22
CA ALA A 232 5.61 -18.92 26.05
C ALA A 232 4.44 -19.56 25.29
N MET A 233 4.53 -19.58 23.96
CA MET A 233 3.43 -20.09 23.16
C MET A 233 3.45 -21.60 23.13
N GLY A 234 2.26 -22.19 23.29
CA GLY A 234 2.10 -23.64 23.27
C GLY A 234 2.15 -24.13 21.84
N GLU A 235 2.59 -25.37 21.69
CA GLU A 235 2.81 -25.95 20.36
C GLU A 235 1.56 -25.95 19.50
N GLU A 236 0.40 -26.13 20.12
CA GLU A 236 -0.86 -26.16 19.36
C GLU A 236 -1.09 -24.79 18.69
N GLU A 237 -0.90 -23.72 19.46
CA GLU A 237 -1.02 -22.37 18.95
C GLU A 237 0.07 -22.09 17.89
N LYS A 238 1.29 -22.57 18.13
CA LYS A 238 2.34 -22.45 17.11
C LYS A 238 1.91 -23.10 15.81
N ASP A 239 1.41 -24.33 15.90
CA ASP A 239 1.00 -25.06 14.69
C ASP A 239 -0.15 -24.41 13.95
N LYS A 240 -1.04 -23.74 14.68
CA LYS A 240 -2.10 -22.94 14.04
C LYS A 240 -1.50 -21.89 13.11
N TRP A 241 -0.51 -21.15 13.61
CA TRP A 241 0.18 -20.15 12.81
C TRP A 241 0.93 -20.76 11.63
N ARG A 242 1.70 -21.81 11.92
CA ARG A 242 2.45 -22.52 10.89
C ARG A 242 1.58 -22.92 9.71
N ARG A 243 0.41 -23.52 10.00
CA ARG A 243 -0.39 -24.03 8.90
CA ARG A 243 -0.49 -24.03 8.96
C ARG A 243 -1.06 -22.93 8.06
N LYS A 244 -0.98 -21.69 8.49
CA LYS A 244 -1.42 -20.55 7.69
C LYS A 244 -0.45 -20.15 6.55
N VAL A 245 0.81 -20.57 6.63
CA VAL A 245 1.87 -20.06 5.72
C VAL A 245 1.86 -20.89 4.44
N PRO A 246 1.52 -20.25 3.30
CA PRO A 246 1.45 -21.04 2.06
C PRO A 246 2.75 -21.75 1.68
N LEU A 247 3.89 -21.08 1.85
CA LEU A 247 5.16 -21.64 1.44
C LEU A 247 5.75 -22.53 2.54
N GLY A 248 5.28 -23.77 2.57
CA GLY A 248 5.84 -24.82 3.44
C GLY A 248 5.19 -24.99 4.80
N ARG A 249 4.15 -24.20 5.08
CA ARG A 249 3.37 -24.37 6.33
C ARG A 249 4.27 -24.45 7.55
N ARG A 250 5.21 -23.54 7.60
CA ARG A 250 6.17 -23.42 8.66
C ARG A 250 6.65 -22.00 8.77
N GLU A 251 7.17 -21.69 9.95
CA GLU A 251 7.72 -20.38 10.25
C GLU A 251 9.08 -20.20 9.60
N ALA A 252 9.43 -18.95 9.33
CA ALA A 252 10.79 -18.61 8.90
C ALA A 252 11.77 -18.97 10.01
N SER A 253 12.90 -19.57 9.63
CA SER A 253 13.99 -19.71 10.57
C SER A 253 14.63 -18.37 10.81
N ALA A 254 15.34 -18.27 11.93
CA ALA A 254 16.03 -17.02 12.23
C ALA A 254 17.04 -16.73 11.12
N GLU A 255 17.66 -17.77 10.58
CA GLU A 255 18.67 -17.60 9.53
C GLU A 255 18.05 -17.00 8.26
N GLN A 256 16.81 -17.41 7.95
CA GLN A 256 16.14 -16.90 6.76
C GLN A 256 15.89 -15.40 6.86
N ILE A 257 15.52 -14.95 8.05
CA ILE A 257 15.36 -13.52 8.29
C ILE A 257 16.73 -12.83 8.16
N ALA A 258 17.76 -13.41 8.78
CA ALA A 258 19.12 -12.86 8.74
C ALA A 258 19.63 -12.75 7.29
N ASP A 259 19.26 -13.73 6.46
CA ASP A 259 19.68 -13.74 5.04
C ASP A 259 19.24 -12.46 4.35
N ALA A 260 18.02 -12.00 4.63
CA ALA A 260 17.51 -10.80 3.96
C ALA A 260 18.22 -9.56 4.50
N VAL A 261 18.51 -9.56 5.80
CA VAL A 261 19.32 -8.49 6.39
C VAL A 261 20.70 -8.38 5.73
N ILE A 262 21.38 -9.51 5.60
CA ILE A 262 22.71 -9.56 5.00
C ILE A 262 22.68 -9.07 3.54
N PHE A 263 21.64 -9.44 2.80
CA PHE A 263 21.47 -8.89 1.45
C PHE A 263 21.43 -7.36 1.44
N LEU A 264 20.57 -6.79 2.28
CA LEU A 264 20.37 -5.37 2.31
C LEU A 264 21.62 -4.61 2.77
N VAL A 265 22.44 -5.19 3.63
CA VAL A 265 23.70 -4.49 4.01
C VAL A 265 24.81 -4.65 2.95
N SER A 266 24.66 -5.65 2.08
CA SER A 266 25.69 -6.00 1.09
C SER A 266 25.83 -5.03 -0.09
N GLY A 267 26.94 -5.17 -0.80
CA GLY A 267 27.14 -4.42 -2.06
C GLY A 267 26.14 -4.77 -3.16
N SER A 268 25.48 -5.93 -3.04
CA SER A 268 24.38 -6.31 -3.97
C SER A 268 23.09 -5.50 -3.79
N ALA A 269 23.05 -4.60 -2.80
CA ALA A 269 21.88 -3.77 -2.54
C ALA A 269 22.24 -2.28 -2.53
N GLN A 270 23.33 -1.90 -3.19
CA GLN A 270 23.81 -0.56 -3.00
C GLN A 270 22.97 0.54 -3.64
N TYR A 271 21.98 0.20 -4.46
CA TYR A 271 21.00 1.20 -4.93
C TYR A 271 19.66 1.11 -4.19
N ILE A 272 19.56 0.20 -3.23
CA ILE A 272 18.32 -0.05 -2.52
C ILE A 272 18.29 0.78 -1.24
N THR A 273 17.30 1.69 -1.17
CA THR A 273 17.04 2.45 0.07
C THR A 273 15.57 2.78 0.15
N GLY A 274 15.04 2.73 1.37
CA GLY A 274 13.61 2.89 1.61
C GLY A 274 12.77 1.67 1.28
N SER A 275 13.40 0.52 1.10
CA SER A 275 12.70 -0.69 0.72
C SER A 275 12.52 -1.57 1.97
N ILE A 276 11.32 -2.15 2.07
CA ILE A 276 11.01 -3.13 3.11
C ILE A 276 10.71 -4.47 2.47
N ILE A 277 11.59 -5.43 2.72
CA ILE A 277 11.48 -6.77 2.11
C ILE A 277 10.69 -7.69 3.04
N LYS A 278 9.51 -8.13 2.59
CA LYS A 278 8.75 -9.17 3.32
C LYS A 278 9.51 -10.47 3.22
N VAL A 279 9.64 -11.16 4.35
CA VAL A 279 10.15 -12.52 4.38
C VAL A 279 9.10 -13.33 5.13
N ASP A 280 8.00 -13.65 4.45
CA ASP A 280 6.82 -14.17 5.12
C ASP A 280 6.18 -15.43 4.51
N GLY A 281 6.80 -16.01 3.51
CA GLY A 281 6.30 -17.27 2.93
C GLY A 281 4.87 -17.14 2.40
N GLY A 282 4.48 -15.92 2.03
CA GLY A 282 3.16 -15.64 1.50
C GLY A 282 2.08 -15.39 2.53
N LEU A 283 2.42 -15.41 3.82
CA LEU A 283 1.41 -15.28 4.88
C LEU A 283 0.50 -14.07 4.72
N SER A 284 1.08 -12.92 4.41
CA SER A 284 0.31 -11.66 4.30
C SER A 284 -0.64 -11.61 3.10
N LEU A 285 -0.49 -12.54 2.16
CA LEU A 285 -1.37 -12.67 0.99
C LEU A 285 -2.63 -13.47 1.24
N VAL A 286 -2.69 -14.13 2.40
CA VAL A 286 -3.75 -15.10 2.68
C VAL A 286 -4.93 -14.39 3.34
N HIS A 287 -6.08 -14.43 2.71
CA HIS A 287 -7.26 -13.78 3.30
C HIS A 287 -7.79 -14.54 4.53
N ALA A 288 -8.67 -13.88 5.26
CA ALA A 288 -9.31 -14.42 6.47
C ALA A 288 -10.01 -15.73 6.17
N GLU B 22 23.69 -31.12 -11.62
CA GLU B 22 23.42 -30.53 -12.98
C GLU B 22 23.01 -29.06 -12.85
N ALA B 23 23.31 -28.26 -13.87
CA ALA B 23 23.11 -26.81 -13.80
C ALA B 23 21.66 -26.45 -14.01
N PRO B 24 21.13 -25.53 -13.20
CA PRO B 24 19.76 -25.11 -13.40
C PRO B 24 19.62 -24.28 -14.67
N ALA B 25 18.37 -24.06 -15.09
CA ALA B 25 18.11 -23.30 -16.31
C ALA B 25 17.10 -22.18 -16.05
N ALA B 26 17.29 -21.06 -16.74
CA ALA B 26 16.44 -19.86 -16.61
C ALA B 26 15.98 -19.39 -17.95
N VAL B 27 14.73 -18.94 -18.01
CA VAL B 27 14.21 -18.19 -19.15
C VAL B 27 14.17 -16.73 -18.73
N VAL B 28 14.75 -15.87 -19.56
CA VAL B 28 14.66 -14.40 -19.36
C VAL B 28 14.03 -13.79 -20.61
N THR B 29 12.86 -13.16 -20.47
CA THR B 29 12.22 -12.52 -21.62
C THR B 29 12.84 -11.16 -21.90
N GLY B 30 12.90 -10.76 -23.17
CA GLY B 30 13.46 -9.50 -23.60
C GLY B 30 14.90 -9.37 -23.13
N ALA B 31 15.67 -10.44 -23.32
CA ALA B 31 17.02 -10.51 -22.75
C ALA B 31 18.15 -10.07 -23.64
N ALA B 32 17.86 -9.53 -24.82
CA ALA B 32 18.91 -9.15 -25.76
C ALA B 32 19.71 -7.92 -25.35
N LYS B 33 19.07 -7.00 -24.62
CA LYS B 33 19.65 -5.68 -24.35
C LYS B 33 19.34 -5.27 -22.91
N ARG B 34 20.09 -4.27 -22.46
CA ARG B 34 19.72 -3.49 -21.28
C ARG B 34 19.50 -4.35 -20.05
N ILE B 35 18.38 -4.19 -19.34
CA ILE B 35 18.21 -4.86 -18.06
C ILE B 35 18.12 -6.37 -18.25
N GLY B 36 17.34 -6.82 -19.22
CA GLY B 36 17.22 -8.24 -19.46
C GLY B 36 18.55 -8.92 -19.77
N ARG B 37 19.38 -8.26 -20.57
CA ARG B 37 20.69 -8.78 -20.87
C ARG B 37 21.52 -8.93 -19.61
N ALA B 38 21.49 -7.92 -18.73
CA ALA B 38 22.30 -7.96 -17.52
C ALA B 38 21.85 -9.08 -16.60
N ILE B 39 20.53 -9.31 -16.56
CA ILE B 39 19.96 -10.39 -15.80
C ILE B 39 20.44 -11.76 -16.33
N ALA B 40 20.37 -11.94 -17.64
CA ALA B 40 20.80 -13.15 -18.29
C ALA B 40 22.28 -13.41 -17.98
N VAL B 41 23.10 -12.38 -18.14
CA VAL B 41 24.54 -12.48 -17.83
C VAL B 41 24.78 -12.90 -16.38
N LYS B 42 24.12 -12.23 -15.44
CA LYS B 42 24.33 -12.54 -14.03
C LYS B 42 23.86 -13.93 -13.66
N LEU B 43 22.74 -14.33 -14.23
CA LEU B 43 22.25 -15.69 -14.02
C LEU B 43 23.30 -16.67 -14.56
N HIS B 44 23.82 -16.39 -15.75
CA HIS B 44 24.79 -17.30 -16.36
C HIS B 44 26.07 -17.38 -15.50
N GLN B 45 26.53 -16.24 -15.03
CA GLN B 45 27.72 -16.15 -14.15
C GLN B 45 27.50 -16.91 -12.83
N THR B 46 26.26 -16.98 -12.38
CA THR B 46 25.86 -17.71 -11.18
C THR B 46 25.81 -19.22 -11.40
N GLY B 47 25.81 -19.66 -12.66
CA GLY B 47 25.82 -21.08 -13.01
C GLY B 47 24.60 -21.58 -13.78
N TYR B 48 23.67 -20.68 -14.11
CA TYR B 48 22.47 -21.03 -14.86
C TYR B 48 22.77 -21.17 -16.35
N ARG B 49 22.09 -22.12 -16.96
CA ARG B 49 21.94 -22.17 -18.41
C ARG B 49 20.76 -21.28 -18.71
N VAL B 50 20.80 -20.59 -19.84
CA VAL B 50 19.81 -19.57 -20.11
C VAL B 50 19.17 -19.63 -21.49
N VAL B 51 17.84 -19.40 -21.51
CA VAL B 51 17.10 -19.10 -22.73
C VAL B 51 16.96 -17.59 -22.83
N ILE B 52 17.54 -17.05 -23.88
CA ILE B 52 17.53 -15.63 -24.18
C ILE B 52 16.38 -15.36 -25.13
N HIS B 53 15.24 -14.94 -24.59
CA HIS B 53 14.11 -14.59 -25.44
C HIS B 53 14.30 -13.17 -26.02
N TYR B 54 13.88 -13.02 -27.27
CA TYR B 54 13.90 -11.72 -27.92
C TYR B 54 12.69 -11.60 -28.86
N HIS B 55 12.39 -10.38 -29.29
CA HIS B 55 11.34 -10.15 -30.25
C HIS B 55 11.96 -9.65 -31.58
N ASN B 56 12.45 -8.42 -31.57
CA ASN B 56 13.09 -7.81 -32.73
C ASN B 56 14.62 -7.83 -32.74
N SER B 57 15.26 -7.95 -31.58
CA SER B 57 16.71 -7.79 -31.44
C SER B 57 17.47 -9.12 -31.64
N ALA B 58 17.35 -9.69 -32.82
CA ALA B 58 17.99 -10.99 -33.10
C ALA B 58 19.51 -10.93 -33.00
N GLU B 59 20.11 -9.91 -33.57
CA GLU B 59 21.57 -9.84 -33.63
C GLU B 59 22.14 -9.71 -32.22
N ALA B 60 21.50 -8.90 -31.38
CA ALA B 60 21.93 -8.71 -30.00
C ALA B 60 21.73 -10.00 -29.20
N ALA B 61 20.61 -10.69 -29.43
CA ALA B 61 20.33 -11.95 -28.72
C ALA B 61 21.41 -12.99 -29.04
N VAL B 62 21.75 -13.07 -30.33
CA VAL B 62 22.70 -14.07 -30.80
C VAL B 62 24.11 -13.72 -30.30
N SER B 63 24.43 -12.44 -30.30
CA SER B 63 25.71 -11.95 -29.80
C SER B 63 25.91 -12.36 -28.34
N LEU B 64 24.85 -12.21 -27.55
CA LEU B 64 24.88 -12.60 -26.14
C LEU B 64 25.04 -14.11 -26.01
N ALA B 65 24.22 -14.86 -26.74
CA ALA B 65 24.31 -16.32 -26.73
C ALA B 65 25.75 -16.77 -27.04
N ASP B 66 26.33 -16.21 -28.09
CA ASP B 66 27.70 -16.59 -28.48
C ASP B 66 28.72 -16.27 -27.38
N GLU B 67 28.58 -15.09 -26.78
CA GLU B 67 29.45 -14.71 -25.66
C GLU B 67 29.34 -15.69 -24.49
N LEU B 68 28.11 -16.01 -24.10
CA LEU B 68 27.88 -16.95 -22.99
C LEU B 68 28.35 -18.38 -23.29
N ASN B 69 28.16 -18.84 -24.52
CA ASN B 69 28.62 -20.16 -24.92
C ASN B 69 30.14 -20.28 -25.06
N LYS B 70 30.80 -19.15 -25.35
CA LYS B 70 32.25 -19.09 -25.31
C LYS B 70 32.73 -19.37 -23.89
N GLU B 71 32.01 -18.86 -22.90
CA GLU B 71 32.33 -19.14 -21.49
C GLU B 71 32.10 -20.57 -21.09
N ARG B 72 30.92 -21.08 -21.41
CA ARG B 72 30.58 -22.48 -21.15
C ARG B 72 29.77 -23.01 -22.31
N SER B 73 30.29 -24.00 -23.03
CA SER B 73 29.59 -24.53 -24.20
C SER B 73 28.22 -25.05 -23.85
N ASN B 74 27.29 -24.81 -24.77
CA ASN B 74 25.94 -25.34 -24.69
C ASN B 74 25.18 -24.90 -23.44
N THR B 75 25.38 -23.63 -23.06
CA THR B 75 24.68 -23.09 -21.91
C THR B 75 23.74 -21.92 -22.22
N ALA B 76 23.62 -21.55 -23.51
CA ALA B 76 22.77 -20.44 -23.91
C ALA B 76 22.11 -20.72 -25.24
N VAL B 77 20.82 -20.48 -25.30
CA VAL B 77 20.07 -20.57 -26.55
C VAL B 77 19.19 -19.32 -26.63
N VAL B 78 18.74 -19.00 -27.84
CA VAL B 78 17.82 -17.89 -28.06
C VAL B 78 16.45 -18.40 -28.48
N CYS B 79 15.43 -17.61 -28.22
CA CYS B 79 14.05 -17.98 -28.50
C CYS B 79 13.32 -16.72 -28.95
N GLN B 80 12.88 -16.68 -30.21
CA GLN B 80 12.14 -15.51 -30.71
C GLN B 80 10.64 -15.63 -30.49
N ALA B 81 10.02 -14.56 -29.99
CA ALA B 81 8.57 -14.50 -29.90
C ALA B 81 8.07 -13.09 -29.68
N ASP B 82 6.92 -12.80 -30.29
CA ASP B 82 6.17 -11.59 -30.01
C ASP B 82 5.28 -11.89 -28.81
N LEU B 83 5.31 -11.03 -27.80
CA LEU B 83 4.52 -11.23 -26.57
C LEU B 83 3.31 -10.27 -26.50
N THR B 84 2.96 -9.65 -27.62
CA THR B 84 1.74 -8.91 -27.77
C THR B 84 0.56 -9.85 -27.52
N ASN B 85 -0.48 -9.32 -26.87
CA ASN B 85 -1.68 -10.10 -26.68
C ASN B 85 -2.37 -10.46 -27.99
N SER B 86 -2.76 -11.73 -28.13
CA SER B 86 -3.42 -12.22 -29.32
C SER B 86 -3.95 -13.61 -29.00
N ASN B 87 -4.70 -14.16 -29.95
CA ASN B 87 -5.21 -15.53 -29.90
CA ASN B 87 -5.21 -15.51 -29.74
C ASN B 87 -4.11 -16.59 -29.83
N VAL B 88 -2.93 -16.26 -30.36
CA VAL B 88 -1.81 -17.21 -30.39
C VAL B 88 -0.82 -17.02 -29.23
N LEU B 89 -1.00 -15.99 -28.40
CA LEU B 89 -0.05 -15.73 -27.31
C LEU B 89 0.12 -16.92 -26.35
N PRO B 90 -0.98 -17.59 -25.96
CA PRO B 90 -0.78 -18.77 -25.10
C PRO B 90 0.17 -19.81 -25.70
N ALA B 91 0.00 -20.14 -26.97
CA ALA B 91 0.88 -21.09 -27.62
C ALA B 91 2.32 -20.60 -27.64
N SER B 92 2.51 -19.30 -27.93
CA SER B 92 3.85 -18.72 -27.96
C SER B 92 4.52 -18.83 -26.60
N CYS B 93 3.76 -18.55 -25.55
CA CYS B 93 4.32 -18.63 -24.21
C CYS B 93 4.64 -20.07 -23.79
N GLU B 94 3.76 -21.00 -24.14
CA GLU B 94 4.04 -22.43 -23.93
C GLU B 94 5.32 -22.85 -24.65
N GLU B 95 5.50 -22.37 -25.88
CA GLU B 95 6.68 -22.71 -26.67
C GLU B 95 7.98 -22.18 -26.08
N ILE B 96 7.93 -20.98 -25.51
CA ILE B 96 9.10 -20.42 -24.82
C ILE B 96 9.55 -21.29 -23.65
N ILE B 97 8.59 -21.73 -22.84
CA ILE B 97 8.92 -22.60 -21.72
C ILE B 97 9.42 -23.95 -22.27
N ASN B 98 8.73 -24.48 -23.27
CA ASN B 98 9.11 -25.75 -23.90
C ASN B 98 10.55 -25.68 -24.44
N SER B 99 10.94 -24.52 -24.98
CA SER B 99 12.30 -24.34 -25.49
C SER B 99 13.35 -24.58 -24.41
N CYS B 100 13.08 -24.12 -23.20
CA CYS B 100 13.99 -24.30 -22.11
C CYS B 100 14.12 -25.78 -21.78
N PHE B 101 12.99 -26.50 -21.74
CA PHE B 101 13.06 -27.95 -21.51
C PHE B 101 13.78 -28.68 -22.65
N ARG B 102 13.53 -28.29 -23.89
CA ARG B 102 14.17 -28.96 -25.02
C ARG B 102 15.69 -28.73 -25.00
N ALA B 103 16.12 -27.51 -24.64
CA ALA B 103 17.54 -27.18 -24.59
C ALA B 103 18.25 -27.83 -23.40
N PHE B 104 17.63 -27.80 -22.22
CA PHE B 104 18.33 -28.05 -20.95
C PHE B 104 17.72 -29.13 -20.04
N GLY B 105 16.54 -29.61 -20.40
CA GLY B 105 15.89 -30.70 -19.67
C GLY B 105 15.19 -30.28 -18.41
N ARG B 106 15.10 -28.97 -18.19
CA ARG B 106 14.54 -28.43 -16.95
C ARG B 106 14.33 -26.93 -17.12
N CYS B 107 13.54 -26.34 -16.23
CA CYS B 107 13.31 -24.89 -16.22
C CYS B 107 13.05 -24.50 -14.78
N ASP B 108 14.06 -23.91 -14.15
CA ASP B 108 14.05 -23.56 -12.73
C ASP B 108 13.63 -22.14 -12.44
N VAL B 109 13.91 -21.24 -13.36
CA VAL B 109 13.70 -19.80 -13.16
C VAL B 109 13.09 -19.19 -14.43
N LEU B 110 12.07 -18.35 -14.21
CA LEU B 110 11.44 -17.53 -15.21
C LEU B 110 11.54 -16.08 -14.77
N VAL B 111 12.08 -15.24 -15.64
CA VAL B 111 12.17 -13.80 -15.40
C VAL B 111 11.35 -13.09 -16.46
N ASN B 112 10.27 -12.47 -16.01
CA ASN B 112 9.41 -11.71 -16.89
C ASN B 112 9.89 -10.27 -16.95
N ASN B 113 10.69 -10.00 -17.96
CA ASN B 113 11.35 -8.70 -18.17
C ASN B 113 10.85 -7.93 -19.38
N ALA B 114 10.54 -8.62 -20.47
CA ALA B 114 10.11 -7.95 -21.70
C ALA B 114 8.94 -7.04 -21.45
N SER B 115 8.96 -5.87 -22.09
CA SER B 115 8.00 -4.83 -21.76
C SER B 115 7.94 -3.73 -22.82
N ALA B 116 6.73 -3.49 -23.34
CA ALA B 116 6.44 -2.31 -24.15
C ALA B 116 6.16 -1.14 -23.24
N PHE B 117 6.61 0.05 -23.66
CA PHE B 117 6.58 1.23 -22.81
C PHE B 117 6.51 2.44 -23.71
N TYR B 118 5.37 3.09 -23.71
CA TYR B 118 5.18 4.32 -24.47
C TYR B 118 3.85 4.93 -23.99
N PRO B 119 3.67 6.24 -24.21
CA PRO B 119 2.45 6.92 -23.77
C PRO B 119 1.21 6.56 -24.58
N THR B 120 0.08 6.58 -23.89
CA THR B 120 -1.22 6.34 -24.47
C THR B 120 -2.20 7.36 -23.87
N PRO B 121 -2.14 8.61 -24.37
CA PRO B 121 -2.99 9.67 -23.79
C PRO B 121 -4.49 9.33 -23.85
N LEU B 122 -5.20 9.68 -22.79
CA LEU B 122 -6.64 9.47 -22.73
C LEU B 122 -7.40 10.44 -23.62
N VAL B 123 -6.85 11.65 -23.80
CA VAL B 123 -7.50 12.65 -24.64
C VAL B 123 -6.59 13.16 -25.76
N GLN B 124 -7.17 13.30 -26.95
CA GLN B 124 -6.46 13.71 -28.17
C GLN B 124 -6.23 15.22 -28.23
N LYS B 134 -0.42 3.67 -34.35
CA LYS B 134 -0.97 2.47 -33.71
C LYS B 134 -2.40 2.71 -33.29
N THR B 135 -3.28 1.77 -33.60
CA THR B 135 -4.65 1.82 -33.14
C THR B 135 -4.65 1.56 -31.62
N VAL B 136 -5.68 2.01 -30.94
CA VAL B 136 -5.79 1.77 -29.51
C VAL B 136 -5.84 0.28 -29.18
N GLU B 137 -6.50 -0.54 -30.00
CA GLU B 137 -6.54 -1.97 -29.69
C GLU B 137 -5.13 -2.59 -29.77
N THR B 138 -4.28 -2.09 -30.67
CA THR B 138 -2.89 -2.56 -30.76
C THR B 138 -2.10 -2.13 -29.52
N GLN B 139 -2.32 -0.89 -29.09
CA GLN B 139 -1.64 -0.37 -27.90
C GLN B 139 -2.05 -1.22 -26.67
N VAL B 140 -3.34 -1.51 -26.56
CA VAL B 140 -3.81 -2.40 -25.50
C VAL B 140 -3.07 -3.74 -25.59
N ALA B 141 -3.10 -4.36 -26.75
CA ALA B 141 -2.48 -5.66 -26.95
C ALA B 141 -1.00 -5.66 -26.59
N GLU B 142 -0.28 -4.62 -27.03
CA GLU B 142 1.18 -4.55 -26.77
C GLU B 142 1.50 -4.29 -25.31
N LEU B 143 0.88 -3.26 -24.77
CA LEU B 143 1.20 -2.80 -23.40
C LEU B 143 0.69 -3.77 -22.33
N ILE B 144 -0.55 -4.25 -22.47
CA ILE B 144 -1.11 -5.20 -21.52
C ILE B 144 -0.58 -6.62 -21.79
N GLY B 145 -0.36 -6.98 -23.05
CA GLY B 145 0.24 -8.28 -23.37
C GLY B 145 1.60 -8.47 -22.77
N THR B 146 2.51 -7.56 -23.08
CA THR B 146 3.91 -7.72 -22.65
C THR B 146 4.04 -7.62 -21.14
N ASN B 147 3.34 -6.66 -20.54
CA ASN B 147 3.52 -6.38 -19.11
C ASN B 147 2.72 -7.28 -18.17
N ALA B 148 1.69 -7.94 -18.68
CA ALA B 148 0.77 -8.68 -17.80
C ALA B 148 0.31 -10.04 -18.33
N ILE B 149 -0.23 -10.07 -19.53
CA ILE B 149 -0.83 -11.31 -20.01
CA ILE B 149 -0.82 -11.31 -20.05
C ILE B 149 0.24 -12.35 -20.37
N ALA B 150 1.30 -11.93 -21.07
CA ALA B 150 2.39 -12.85 -21.39
C ALA B 150 3.02 -13.39 -20.08
N PRO B 151 3.36 -12.51 -19.10
CA PRO B 151 3.77 -13.05 -17.79
C PRO B 151 2.82 -14.09 -17.19
N PHE B 152 1.52 -13.84 -17.27
CA PHE B 152 0.55 -14.78 -16.75
C PHE B 152 0.61 -16.13 -17.49
N LEU B 153 0.66 -16.08 -18.82
CA LEU B 153 0.68 -17.30 -19.64
C LEU B 153 2.00 -18.07 -19.47
N LEU B 154 3.11 -17.33 -19.40
CA LEU B 154 4.43 -17.92 -19.11
C LEU B 154 4.45 -18.59 -17.74
N THR B 155 3.82 -17.95 -16.76
CA THR B 155 3.67 -18.52 -15.42
C THR B 155 2.85 -19.82 -15.44
N MET B 156 1.74 -19.83 -16.18
CA MET B 156 0.89 -21.03 -16.34
CA MET B 156 0.91 -21.02 -16.29
C MET B 156 1.73 -22.16 -16.89
N SER B 157 2.41 -21.87 -17.99
CA SER B 157 3.19 -22.88 -18.69
C SER B 157 4.36 -23.37 -17.84
N PHE B 158 4.99 -22.47 -17.12
CA PHE B 158 6.10 -22.78 -16.23
C PHE B 158 5.61 -23.75 -15.16
N ALA B 159 4.49 -23.42 -14.52
CA ALA B 159 3.95 -24.22 -13.43
C ALA B 159 3.48 -25.58 -13.93
N GLN B 160 2.78 -25.59 -15.05
CA GLN B 160 2.26 -26.85 -15.63
C GLN B 160 3.38 -27.85 -15.92
N ARG B 161 4.54 -27.35 -16.35
CA ARG B 161 5.70 -28.22 -16.54
C ARG B 161 6.33 -28.72 -15.24
N GLN B 162 5.95 -28.15 -14.10
CA GLN B 162 6.39 -28.60 -12.76
CA GLN B 162 6.41 -28.64 -12.78
C GLN B 162 5.27 -29.33 -12.00
N LYS B 163 4.10 -29.51 -12.62
CA LYS B 163 2.96 -30.12 -11.95
C LYS B 163 3.35 -31.42 -11.25
N SER B 171 16.62 -29.98 -2.80
CA SER B 171 17.57 -29.60 -3.85
C SER B 171 17.01 -28.53 -4.81
N SER B 172 15.75 -28.68 -5.23
CA SER B 172 15.16 -27.74 -6.21
C SER B 172 14.92 -26.35 -5.59
N ASN B 173 15.03 -25.31 -6.42
CA ASN B 173 14.76 -23.96 -5.99
C ASN B 173 14.11 -23.24 -7.17
N LEU B 174 12.81 -23.48 -7.33
CA LEU B 174 12.05 -22.95 -8.48
C LEU B 174 11.53 -21.57 -8.12
N SER B 175 11.68 -20.61 -9.01
CA SER B 175 11.08 -19.31 -8.76
C SER B 175 10.89 -18.50 -10.03
N ILE B 176 10.01 -17.52 -9.89
CA ILE B 176 9.66 -16.57 -10.92
C ILE B 176 9.97 -15.17 -10.40
N VAL B 177 10.59 -14.35 -11.24
CA VAL B 177 10.82 -12.94 -10.91
C VAL B 177 10.20 -12.04 -11.98
N ASN B 178 9.29 -11.18 -11.55
CA ASN B 178 8.61 -10.23 -12.42
C ASN B 178 9.25 -8.85 -12.31
N LEU B 179 9.58 -8.24 -13.43
CA LEU B 179 10.15 -6.89 -13.43
C LEU B 179 8.98 -5.90 -13.40
N CYS B 180 8.82 -5.28 -12.24
CA CYS B 180 7.72 -4.40 -11.93
C CYS B 180 8.19 -2.94 -12.12
N ASP B 181 7.62 -2.01 -11.36
CA ASP B 181 7.92 -0.61 -11.51
C ASP B 181 7.64 0.07 -10.18
N ALA B 182 8.68 0.64 -9.58
CA ALA B 182 8.55 1.34 -8.30
C ALA B 182 7.62 2.55 -8.33
N MET B 183 7.36 3.07 -9.53
CA MET B 183 6.61 4.31 -9.68
C MET B 183 5.14 4.07 -10.02
N VAL B 184 4.64 2.85 -9.83
CA VAL B 184 3.27 2.49 -10.25
C VAL B 184 2.19 3.33 -9.55
N ASP B 185 2.47 3.81 -8.36
CA ASP B 185 1.49 4.65 -7.67
C ASP B 185 1.70 6.16 -7.85
N GLN B 186 2.74 6.53 -8.59
CA GLN B 186 3.06 7.92 -8.95
C GLN B 186 3.47 7.92 -10.43
N PRO B 187 2.54 7.52 -11.30
CA PRO B 187 2.93 7.21 -12.68
C PRO B 187 3.28 8.42 -13.55
N CYS B 188 4.03 8.17 -14.63
CA CYS B 188 4.21 9.19 -15.64
C CYS B 188 2.89 9.56 -16.26
N MET B 189 2.74 10.84 -16.51
CA MET B 189 1.58 11.40 -17.16
C MET B 189 1.36 10.75 -18.53
N ALA B 190 0.13 10.31 -18.77
CA ALA B 190 -0.30 9.78 -20.08
C ALA B 190 0.20 8.37 -20.39
N PHE B 191 0.62 7.62 -19.36
CA PHE B 191 1.06 6.24 -19.52
C PHE B 191 0.06 5.29 -18.85
N SER B 192 -1.24 5.53 -19.05
CA SER B 192 -2.23 4.73 -18.34
CA SER B 192 -2.28 4.73 -18.39
C SER B 192 -2.18 3.24 -18.69
N LEU B 193 -2.09 2.89 -19.98
CA LEU B 193 -2.08 1.46 -20.32
C LEU B 193 -0.81 0.76 -19.80
N TYR B 194 0.36 1.40 -19.94
CA TYR B 194 1.60 0.88 -19.35
C TYR B 194 1.40 0.66 -17.82
N ASN B 195 0.90 1.69 -17.15
CA ASN B 195 0.71 1.62 -15.67
C ASN B 195 -0.31 0.52 -15.29
N MET B 196 -1.38 0.40 -16.08
CA MET B 196 -2.33 -0.69 -15.89
C MET B 196 -1.65 -2.06 -15.97
N GLY B 197 -0.80 -2.24 -16.99
CA GLY B 197 -0.08 -3.49 -17.19
C GLY B 197 0.82 -3.78 -16.00
N LYS B 198 1.57 -2.79 -15.56
CA LYS B 198 2.43 -3.00 -14.40
C LYS B 198 1.66 -3.26 -13.08
N HIS B 199 0.52 -2.60 -12.87
CA HIS B 199 -0.33 -2.93 -11.71
C HIS B 199 -0.84 -4.36 -11.79
N ALA B 200 -1.25 -4.77 -13.00
CA ALA B 200 -1.70 -6.13 -13.22
C ALA B 200 -0.60 -7.12 -12.86
N LEU B 201 0.64 -6.75 -13.16
CA LEU B 201 1.78 -7.62 -12.88
C LEU B 201 2.01 -7.78 -11.38
N VAL B 202 1.72 -6.74 -10.61
CA VAL B 202 1.73 -6.85 -9.14
C VAL B 202 0.70 -7.89 -8.70
N GLY B 203 -0.50 -7.78 -9.24
CA GLY B 203 -1.57 -8.75 -8.94
C GLY B 203 -1.16 -10.16 -9.26
N LEU B 204 -0.57 -10.36 -10.43
CA LEU B 204 -0.08 -11.69 -10.81
C LEU B 204 0.95 -12.21 -9.83
N THR B 205 1.91 -11.34 -9.50
CA THR B 205 2.97 -11.71 -8.57
C THR B 205 2.35 -12.23 -7.25
N GLN B 206 1.37 -11.50 -6.69
CA GLN B 206 0.70 -11.92 -5.47
C GLN B 206 -0.13 -13.18 -5.67
N SER B 207 -0.98 -13.18 -6.69
CA SER B 207 -1.88 -14.31 -6.93
C SER B 207 -1.11 -15.60 -7.20
N ALA B 208 -0.06 -15.52 -8.02
CA ALA B 208 0.74 -16.69 -8.35
C ALA B 208 1.60 -17.14 -7.15
N ALA B 209 2.11 -16.21 -6.36
CA ALA B 209 2.80 -16.57 -5.12
C ALA B 209 1.92 -17.44 -4.23
N LEU B 210 0.68 -17.01 -4.04
CA LEU B 210 -0.25 -17.73 -3.20
C LEU B 210 -0.55 -19.12 -3.74
N GLU B 211 -0.83 -19.18 -5.04
CA GLU B 211 -1.31 -20.41 -5.70
C GLU B 211 -0.21 -21.44 -5.92
N LEU B 212 1.00 -20.96 -6.22
CA LEU B 212 2.11 -21.84 -6.57
C LEU B 212 2.98 -22.21 -5.35
N ALA B 213 2.74 -21.57 -4.20
CA ALA B 213 3.54 -21.87 -2.99
C ALA B 213 3.51 -23.36 -2.62
N PRO B 214 2.34 -24.03 -2.73
CA PRO B 214 2.34 -25.45 -2.41
C PRO B 214 3.25 -26.33 -3.27
N TYR B 215 3.54 -25.90 -4.49
CA TYR B 215 4.47 -26.60 -5.40
C TYR B 215 5.92 -26.20 -5.17
N GLY B 216 6.17 -25.27 -4.24
CA GLY B 216 7.52 -24.81 -3.96
C GLY B 216 8.06 -23.75 -4.91
N ILE B 217 7.17 -23.20 -5.75
CA ILE B 217 7.56 -22.19 -6.71
C ILE B 217 7.27 -20.84 -6.06
N ARG B 218 8.33 -20.07 -5.86
CA ARG B 218 8.23 -18.75 -5.29
C ARG B 218 8.03 -17.75 -6.44
N VAL B 219 7.31 -16.66 -6.18
CA VAL B 219 7.03 -15.63 -7.19
C VAL B 219 7.20 -14.26 -6.56
N ASN B 220 8.15 -13.49 -7.08
CA ASN B 220 8.54 -12.20 -6.53
C ASN B 220 8.72 -11.19 -7.64
N GLY B 221 8.95 -9.93 -7.27
CA GLY B 221 9.24 -8.88 -8.22
C GLY B 221 10.41 -8.04 -7.82
N VAL B 222 10.95 -7.35 -8.82
CA VAL B 222 11.96 -6.35 -8.64
C VAL B 222 11.38 -5.13 -9.34
N ALA B 223 11.35 -4.03 -8.62
CA ALA B 223 10.73 -2.79 -9.07
C ALA B 223 11.77 -1.67 -9.20
N PRO B 224 12.33 -1.49 -10.41
CA PRO B 224 13.22 -0.34 -10.61
C PRO B 224 12.43 0.95 -10.54
N GLY B 225 13.10 2.08 -10.25
CA GLY B 225 12.50 3.41 -10.35
C GLY B 225 12.98 3.98 -11.66
N VAL B 226 14.11 4.69 -11.63
CA VAL B 226 14.77 5.03 -12.89
CA VAL B 226 14.80 5.08 -12.86
C VAL B 226 16.06 4.23 -12.98
N SER B 227 16.10 3.39 -14.00
CA SER B 227 17.29 2.63 -14.35
C SER B 227 17.71 3.15 -15.72
N LEU B 228 18.09 2.27 -16.63
CA LEU B 228 18.62 2.72 -17.91
C LEU B 228 17.59 3.57 -18.65
N LEU B 229 17.95 4.80 -18.96
CA LEU B 229 17.03 5.69 -19.64
C LEU B 229 16.96 5.33 -21.12
N PRO B 230 15.88 5.75 -21.80
CA PRO B 230 15.78 5.44 -23.22
C PRO B 230 16.97 5.94 -24.01
N VAL B 231 17.35 5.13 -24.99
CA VAL B 231 18.55 5.40 -25.76
C VAL B 231 18.49 6.77 -26.47
N ALA B 232 17.32 7.17 -26.96
CA ALA B 232 17.25 8.42 -27.74
C ALA B 232 17.28 9.66 -26.85
N MET B 233 16.99 9.47 -25.55
CA MET B 233 16.69 10.56 -24.66
C MET B 233 17.89 11.48 -24.49
N GLY B 234 17.67 12.79 -24.68
CA GLY B 234 18.71 13.77 -24.44
C GLY B 234 19.24 13.70 -23.02
N GLU B 235 20.56 13.89 -22.85
CA GLU B 235 21.17 13.89 -21.52
C GLU B 235 20.52 14.89 -20.60
N GLU B 236 20.06 16.02 -21.16
CA GLU B 236 19.43 17.05 -20.34
C GLU B 236 18.10 16.56 -19.77
N GLU B 237 17.39 15.72 -20.51
CA GLU B 237 16.16 15.11 -19.99
C GLU B 237 16.51 13.94 -19.01
N LYS B 238 17.53 13.15 -19.36
CA LYS B 238 18.02 12.11 -18.45
C LYS B 238 18.38 12.70 -17.07
N ASP B 239 19.07 13.85 -17.07
CA ASP B 239 19.46 14.52 -15.83
C ASP B 239 18.30 15.04 -15.01
N LYS B 240 17.20 15.40 -15.66
CA LYS B 240 16.02 15.81 -14.90
C LYS B 240 15.58 14.65 -14.00
N TRP B 241 15.63 13.41 -14.51
CA TRP B 241 15.23 12.24 -13.72
C TRP B 241 16.31 11.88 -12.71
N ARG B 242 17.55 11.89 -13.15
CA ARG B 242 18.67 11.55 -12.28
C ARG B 242 18.69 12.42 -11.03
N ARG B 243 18.48 13.73 -11.22
CA ARG B 243 18.52 14.67 -10.11
C ARG B 243 17.47 14.45 -9.04
N LYS B 244 16.39 13.75 -9.38
CA LYS B 244 15.31 13.41 -8.45
C LYS B 244 15.66 12.26 -7.49
N VAL B 245 16.67 11.46 -7.80
CA VAL B 245 16.99 10.24 -7.06
C VAL B 245 17.82 10.60 -5.81
N PRO B 246 17.26 10.39 -4.62
CA PRO B 246 17.99 10.79 -3.42
C PRO B 246 19.37 10.16 -3.28
N LEU B 247 19.48 8.87 -3.61
CA LEU B 247 20.69 8.10 -3.39
C LEU B 247 21.58 8.24 -4.62
N GLY B 248 22.37 9.30 -4.61
CA GLY B 248 23.41 9.45 -5.64
C GLY B 248 23.05 10.24 -6.87
N ARG B 249 21.79 10.68 -6.98
CA ARG B 249 21.36 11.51 -8.11
C ARG B 249 21.80 10.88 -9.44
N ARG B 250 21.54 9.58 -9.53
CA ARG B 250 21.89 8.77 -10.69
C ARG B 250 20.85 7.66 -10.83
N GLU B 251 20.74 7.13 -12.04
CA GLU B 251 19.90 5.99 -12.31
C GLU B 251 20.59 4.68 -11.88
N ALA B 252 19.79 3.64 -11.65
CA ALA B 252 20.33 2.32 -11.39
C ALA B 252 20.95 1.76 -12.66
N SER B 253 22.09 1.11 -12.52
CA SER B 253 22.62 0.31 -13.64
C SER B 253 21.76 -0.93 -13.83
N ALA B 254 21.89 -1.54 -14.99
CA ALA B 254 21.17 -2.73 -15.28
C ALA B 254 21.66 -3.81 -14.30
N GLU B 255 22.96 -3.78 -13.99
CA GLU B 255 23.59 -4.77 -13.12
C GLU B 255 23.04 -4.68 -11.68
N GLN B 256 22.77 -3.47 -11.21
CA GLN B 256 22.12 -3.30 -9.90
C GLN B 256 20.70 -3.87 -9.85
N ILE B 257 19.94 -3.70 -10.91
CA ILE B 257 18.65 -4.37 -11.03
C ILE B 257 18.84 -5.87 -11.02
N ALA B 258 19.79 -6.36 -11.84
CA ALA B 258 20.10 -7.80 -11.88
C ALA B 258 20.49 -8.36 -10.53
N ASP B 259 21.24 -7.60 -9.73
CA ASP B 259 21.62 -8.06 -8.37
C ASP B 259 20.41 -8.47 -7.52
N ALA B 260 19.32 -7.71 -7.61
CA ALA B 260 18.11 -8.02 -6.83
C ALA B 260 17.43 -9.29 -7.36
N VAL B 261 17.45 -9.50 -8.69
CA VAL B 261 16.92 -10.73 -9.27
C VAL B 261 17.73 -11.95 -8.79
N ILE B 262 19.06 -11.85 -8.82
CA ILE B 262 19.94 -12.89 -8.33
C ILE B 262 19.65 -13.24 -6.87
N PHE B 263 19.45 -12.23 -6.03
CA PHE B 263 19.09 -12.50 -4.65
C PHE B 263 17.81 -13.31 -4.56
N LEU B 264 16.80 -12.84 -5.28
CA LEU B 264 15.48 -13.48 -5.18
C LEU B 264 15.48 -14.92 -5.69
N VAL B 265 16.32 -15.25 -6.67
CA VAL B 265 16.33 -16.63 -7.16
C VAL B 265 17.23 -17.52 -6.32
N SER B 266 18.02 -16.90 -5.44
CA SER B 266 19.04 -17.62 -4.65
C SER B 266 18.49 -18.42 -3.48
N GLY B 267 19.37 -19.26 -2.94
CA GLY B 267 19.10 -19.99 -1.70
C GLY B 267 18.92 -19.12 -0.45
N SER B 268 19.32 -17.85 -0.52
CA SER B 268 19.15 -16.90 0.58
C SER B 268 17.77 -16.24 0.62
N ALA B 269 16.90 -16.60 -0.33
CA ALA B 269 15.57 -16.06 -0.43
C ALA B 269 14.49 -17.14 -0.39
N GLN B 270 14.78 -18.30 0.21
CA GLN B 270 13.88 -19.42 0.02
C GLN B 270 12.59 -19.39 0.83
N TYR B 271 12.43 -18.39 1.69
CA TYR B 271 11.17 -18.13 2.37
C TYR B 271 10.45 -16.92 1.79
N ILE B 272 11.06 -16.27 0.79
CA ILE B 272 10.50 -15.05 0.22
C ILE B 272 9.62 -15.41 -0.97
N THR B 273 8.34 -15.11 -0.83
CA THR B 273 7.42 -15.21 -1.94
C THR B 273 6.34 -14.14 -1.82
N GLY B 274 5.92 -13.63 -2.98
CA GLY B 274 4.96 -12.53 -3.06
C GLY B 274 5.54 -11.16 -2.67
N SER B 275 6.85 -11.03 -2.68
CA SER B 275 7.52 -9.79 -2.30
C SER B 275 7.99 -9.06 -3.53
N ILE B 276 7.83 -7.74 -3.52
CA ILE B 276 8.38 -6.90 -4.59
C ILE B 276 9.43 -5.96 -4.00
N ILE B 277 10.68 -6.12 -4.43
CA ILE B 277 11.77 -5.34 -3.90
C ILE B 277 12.00 -4.11 -4.77
N LYS B 278 11.79 -2.92 -4.23
CA LYS B 278 12.10 -1.68 -4.95
C LYS B 278 13.61 -1.58 -5.01
N VAL B 279 14.12 -1.22 -6.17
CA VAL B 279 15.54 -0.92 -6.35
C VAL B 279 15.52 0.45 -7.02
N ASP B 280 15.26 1.48 -6.20
CA ASP B 280 14.96 2.81 -6.75
C ASP B 280 15.70 4.02 -6.16
N GLY B 281 16.69 3.78 -5.30
CA GLY B 281 17.48 4.86 -4.72
C GLY B 281 16.65 5.87 -3.95
N GLY B 282 15.47 5.44 -3.50
CA GLY B 282 14.53 6.29 -2.81
C GLY B 282 13.65 7.20 -3.66
N LEU B 283 13.66 7.03 -4.99
CA LEU B 283 12.91 7.92 -5.87
C LEU B 283 11.43 8.00 -5.52
N SER B 284 10.83 6.85 -5.21
CA SER B 284 9.40 6.74 -4.95
C SER B 284 8.98 7.38 -3.63
N LEU B 285 9.94 7.73 -2.78
CA LEU B 285 9.69 8.42 -1.52
C LEU B 285 9.62 9.93 -1.65
N VAL B 286 9.93 10.44 -2.85
CA VAL B 286 10.12 11.88 -3.08
C VAL B 286 8.80 12.49 -3.57
N HIS B 287 8.26 13.41 -2.78
CA HIS B 287 7.03 14.09 -3.12
C HIS B 287 7.25 15.05 -4.30
N ALA B 288 6.14 15.45 -4.93
CA ALA B 288 6.15 16.36 -6.06
C ALA B 288 6.79 17.68 -5.69
N GLU C 22 -33.12 12.77 21.04
CA GLU C 22 -31.82 13.08 21.69
C GLU C 22 -30.74 13.20 20.60
N ALA C 23 -30.03 14.33 20.59
CA ALA C 23 -29.02 14.57 19.57
C ALA C 23 -27.76 13.79 19.92
N PRO C 24 -27.07 13.26 18.91
CA PRO C 24 -25.78 12.63 19.20
C PRO C 24 -24.74 13.67 19.58
N ALA C 25 -23.62 13.24 20.16
CA ALA C 25 -22.59 14.15 20.63
C ALA C 25 -21.24 13.73 20.08
N ALA C 26 -20.41 14.72 19.72
CA ALA C 26 -19.10 14.47 19.18
C ALA C 26 -18.04 15.25 19.94
N VAL C 27 -16.87 14.64 20.08
CA VAL C 27 -15.67 15.29 20.56
C VAL C 27 -14.76 15.51 19.36
N VAL C 28 -14.28 16.73 19.21
CA VAL C 28 -13.30 17.09 18.19
C VAL C 28 -12.09 17.69 18.88
N THR C 29 -10.95 17.04 18.74
CA THR C 29 -9.72 17.57 19.33
C THR C 29 -9.13 18.66 18.46
N GLY C 30 -8.51 19.64 19.10
CA GLY C 30 -7.91 20.76 18.39
C GLY C 30 -8.91 21.49 17.50
N ALA C 31 -10.09 21.76 18.07
CA ALA C 31 -11.24 22.26 17.30
C ALA C 31 -11.40 23.78 17.27
N ALA C 32 -10.47 24.53 17.84
CA ALA C 32 -10.62 25.99 17.94
C ALA C 32 -10.46 26.69 16.59
N LYS C 33 -9.64 26.13 15.72
CA LYS C 33 -9.21 26.81 14.51
C LYS C 33 -9.20 25.83 13.33
N ARG C 34 -9.16 26.41 12.13
CA ARG C 34 -8.71 25.68 10.95
C ARG C 34 -9.53 24.44 10.68
N ILE C 35 -8.88 23.30 10.39
CA ILE C 35 -9.62 22.09 10.02
C ILE C 35 -10.52 21.59 11.14
N GLY C 36 -10.01 21.57 12.38
CA GLY C 36 -10.81 21.11 13.51
C GLY C 36 -12.08 21.95 13.70
N ARG C 37 -11.93 23.26 13.58
CA ARG C 37 -13.08 24.16 13.68
C ARG C 37 -14.11 23.82 12.62
N ALA C 38 -13.65 23.65 11.37
CA ALA C 38 -14.57 23.35 10.26
C ALA C 38 -15.35 22.06 10.52
N ILE C 39 -14.65 21.05 11.05
CA ILE C 39 -15.25 19.78 11.41
C ILE C 39 -16.32 19.95 12.52
N ALA C 40 -15.97 20.66 13.59
CA ALA C 40 -16.91 20.97 14.67
C ALA C 40 -18.15 21.65 14.12
N VAL C 41 -17.94 22.69 13.31
CA VAL C 41 -19.07 23.42 12.72
C VAL C 41 -19.96 22.53 11.89
N LYS C 42 -19.37 21.71 11.01
CA LYS C 42 -20.17 20.83 10.16
C LYS C 42 -20.91 19.75 10.95
N LEU C 43 -20.26 19.16 11.96
CA LEU C 43 -20.96 18.22 12.82
C LEU C 43 -22.15 18.92 13.49
N HIS C 44 -21.91 20.11 14.01
CA HIS C 44 -22.97 20.84 14.69
C HIS C 44 -24.12 21.12 13.71
N GLN C 45 -23.77 21.51 12.49
CA GLN C 45 -24.80 21.81 11.47
C GLN C 45 -25.63 20.58 11.11
N THR C 46 -25.03 19.42 11.23
CA THR C 46 -25.67 18.14 10.95
C THR C 46 -26.56 17.69 12.11
N GLY C 47 -26.45 18.35 13.27
CA GLY C 47 -27.30 18.06 14.40
C GLY C 47 -26.60 17.52 15.64
N TYR C 48 -25.27 17.37 15.58
CA TYR C 48 -24.51 16.96 16.76
C TYR C 48 -24.39 18.09 17.78
N ARG C 49 -24.35 17.69 19.05
CA ARG C 49 -23.80 18.51 20.11
C ARG C 49 -22.30 18.21 20.13
N VAL C 50 -21.49 19.23 20.43
CA VAL C 50 -20.04 19.12 20.27
C VAL C 50 -19.24 19.58 21.48
N VAL C 51 -18.21 18.79 21.77
CA VAL C 51 -17.11 19.20 22.64
C VAL C 51 -15.93 19.72 21.83
N ILE C 52 -15.64 21.00 22.03
CA ILE C 52 -14.57 21.70 21.36
C ILE C 52 -13.34 21.63 22.24
N HIS C 53 -12.45 20.70 21.94
CA HIS C 53 -11.20 20.62 22.69
C HIS C 53 -10.16 21.63 22.17
N TYR C 54 -9.38 22.17 23.10
CA TYR C 54 -8.31 23.09 22.79
C TYR C 54 -7.15 22.91 23.79
N HIS C 55 -5.99 23.41 23.41
CA HIS C 55 -4.84 23.42 24.28
C HIS C 55 -4.51 24.88 24.60
N ASN C 56 -4.00 25.64 23.63
CA ASN C 56 -3.67 27.05 23.85
C ASN C 56 -4.73 28.05 23.40
N SER C 57 -5.65 27.62 22.54
CA SER C 57 -6.58 28.56 21.88
C SER C 57 -7.93 28.73 22.59
N ALA C 58 -7.88 29.14 23.86
CA ALA C 58 -9.11 29.29 24.67
C ALA C 58 -10.11 30.29 24.09
N GLU C 59 -9.58 31.46 23.71
CA GLU C 59 -10.40 32.54 23.14
C GLU C 59 -11.18 32.09 21.92
N ALA C 60 -10.47 31.43 21.00
CA ALA C 60 -11.06 30.95 19.76
C ALA C 60 -12.05 29.82 20.02
N ALA C 61 -11.70 28.92 20.95
CA ALA C 61 -12.60 27.81 21.33
C ALA C 61 -13.93 28.33 21.88
N VAL C 62 -13.85 29.28 22.81
CA VAL C 62 -15.06 29.88 23.38
C VAL C 62 -15.85 30.67 22.33
N SER C 63 -15.16 31.37 21.44
CA SER C 63 -15.82 32.12 20.38
C SER C 63 -16.66 31.18 19.48
N LEU C 64 -16.09 30.01 19.16
CA LEU C 64 -16.80 29.01 18.39
C LEU C 64 -18.00 28.47 19.16
N ALA C 65 -17.78 28.11 20.43
CA ALA C 65 -18.88 27.62 21.29
C ALA C 65 -20.01 28.64 21.32
N ASP C 66 -19.62 29.90 21.53
CA ASP C 66 -20.60 30.99 21.59
C ASP C 66 -21.44 31.01 20.31
N GLU C 67 -20.77 30.89 19.16
CA GLU C 67 -21.46 30.91 17.87
C GLU C 67 -22.41 29.73 17.70
N LEU C 68 -21.97 28.54 18.07
CA LEU C 68 -22.78 27.33 17.96
C LEU C 68 -23.95 27.34 18.93
N ASN C 69 -23.71 27.80 20.17
CA ASN C 69 -24.77 27.92 21.17
C ASN C 69 -25.82 29.01 20.84
N LYS C 70 -25.40 30.04 20.09
CA LYS C 70 -26.33 31.03 19.55
C LYS C 70 -27.32 30.37 18.60
N GLU C 71 -26.85 29.40 17.81
CA GLU C 71 -27.72 28.67 16.90
C GLU C 71 -28.63 27.71 17.66
N ARG C 72 -28.07 26.94 18.60
CA ARG C 72 -28.85 26.01 19.43
C ARG C 72 -28.29 26.01 20.84
N SER C 73 -29.09 26.48 21.80
CA SER C 73 -28.65 26.61 23.17
C SER C 73 -28.13 25.28 23.74
N ASN C 74 -27.05 25.38 24.48
CA ASN C 74 -26.49 24.24 25.22
C ASN C 74 -26.16 23.05 24.35
N THR C 75 -25.60 23.32 23.18
CA THR C 75 -25.17 22.24 22.28
C THR C 75 -23.67 22.23 22.01
N ALA C 76 -22.93 23.16 22.64
CA ALA C 76 -21.48 23.24 22.49
C ALA C 76 -20.80 23.58 23.82
N VAL C 77 -19.79 22.81 24.16
CA VAL C 77 -18.97 23.10 25.33
C VAL C 77 -17.51 23.00 24.91
N VAL C 78 -16.64 23.59 25.73
CA VAL C 78 -15.21 23.54 25.48
C VAL C 78 -14.51 22.66 26.53
N CYS C 79 -13.36 22.14 26.15
CA CYS C 79 -12.60 21.29 27.04
C CYS C 79 -11.13 21.51 26.78
N GLN C 80 -10.37 21.87 27.81
CA GLN C 80 -8.93 22.16 27.68
C GLN C 80 -8.10 20.94 28.04
N ALA C 81 -7.09 20.65 27.23
CA ALA C 81 -6.09 19.63 27.60
C ALA C 81 -4.85 19.72 26.72
N ASP C 82 -3.68 19.53 27.35
CA ASP C 82 -2.45 19.27 26.60
C ASP C 82 -2.45 17.81 26.23
N LEU C 83 -2.17 17.51 24.96
CA LEU C 83 -2.15 16.13 24.46
C LEU C 83 -0.70 15.59 24.21
N THR C 84 0.29 16.33 24.69
CA THR C 84 1.68 15.88 24.73
C THR C 84 1.76 14.60 25.55
N ASN C 85 2.57 13.64 25.12
CA ASN C 85 2.75 12.43 25.92
C ASN C 85 3.41 12.78 27.29
N SER C 86 2.81 12.23 28.36
CA SER C 86 3.31 12.39 29.70
C SER C 86 2.66 11.37 30.61
N ASN C 87 3.06 11.40 31.88
CA ASN C 87 2.46 10.55 32.90
C ASN C 87 0.97 10.84 33.12
N VAL C 88 0.55 12.06 32.84
CA VAL C 88 -0.85 12.49 33.02
C VAL C 88 -1.70 12.43 31.75
N LEU C 89 -1.11 12.12 30.59
CA LEU C 89 -1.90 12.06 29.35
C LEU C 89 -3.10 11.11 29.42
N PRO C 90 -2.93 9.90 29.96
CA PRO C 90 -4.09 9.02 30.04
C PRO C 90 -5.25 9.64 30.80
N ALA C 91 -4.97 10.28 31.94
CA ALA C 91 -6.00 10.94 32.71
C ALA C 91 -6.62 12.12 31.94
N SER C 92 -5.79 12.89 31.23
CA SER C 92 -6.30 13.97 30.40
C SER C 92 -7.26 13.47 29.32
N CYS C 93 -6.94 12.35 28.69
CA CYS C 93 -7.78 11.82 27.63
C CYS C 93 -9.06 11.25 28.19
N GLU C 94 -8.98 10.59 29.35
CA GLU C 94 -10.20 10.12 30.04
C GLU C 94 -11.13 11.27 30.31
N GLU C 95 -10.55 12.42 30.69
CA GLU C 95 -11.37 13.58 31.04
C GLU C 95 -12.01 14.25 29.82
N ILE C 96 -11.36 14.20 28.66
CA ILE C 96 -11.95 14.74 27.44
C ILE C 96 -13.23 13.95 27.11
N ILE C 97 -13.14 12.63 27.18
CA ILE C 97 -14.29 11.77 26.92
C ILE C 97 -15.36 11.98 27.99
N ASN C 98 -14.91 12.07 29.24
CA ASN C 98 -15.82 12.32 30.35
CA ASN C 98 -15.79 12.33 30.38
C ASN C 98 -16.57 13.63 30.17
N SER C 99 -15.89 14.64 29.64
CA SER C 99 -16.53 15.95 29.44
CA SER C 99 -16.54 15.94 29.46
C SER C 99 -17.73 15.86 28.51
N CYS C 100 -17.65 14.97 27.52
CA CYS C 100 -18.76 14.78 26.58
C CYS C 100 -19.95 14.13 27.28
N PHE C 101 -19.67 13.10 28.08
CA PHE C 101 -20.71 12.42 28.83
C PHE C 101 -21.34 13.34 29.89
N ARG C 102 -20.51 14.18 30.51
CA ARG C 102 -21.02 15.12 31.51
C ARG C 102 -21.96 16.16 30.89
N ALA C 103 -21.52 16.75 29.78
CA ALA C 103 -22.31 17.76 29.09
C ALA C 103 -23.56 17.22 28.43
N PHE C 104 -23.44 16.04 27.81
CA PHE C 104 -24.45 15.57 26.86
C PHE C 104 -25.04 14.19 27.13
N GLY C 105 -24.43 13.46 28.05
CA GLY C 105 -24.95 12.16 28.49
C GLY C 105 -24.62 11.01 27.59
N ARG C 106 -23.76 11.25 26.59
CA ARG C 106 -23.43 10.27 25.57
C ARG C 106 -22.22 10.80 24.81
N CYS C 107 -21.55 9.91 24.10
CA CYS C 107 -20.45 10.28 23.20
C CYS C 107 -20.47 9.32 22.02
N ASP C 108 -20.92 9.82 20.89
CA ASP C 108 -21.14 9.00 19.69
C ASP C 108 -19.98 9.02 18.70
N VAL C 109 -19.26 10.15 18.65
CA VAL C 109 -18.21 10.38 17.65
C VAL C 109 -17.02 11.01 18.33
N LEU C 110 -15.85 10.46 18.01
CA LEU C 110 -14.56 11.05 18.37
C LEU C 110 -13.80 11.37 17.09
N VAL C 111 -13.35 12.62 16.97
CA VAL C 111 -12.50 13.06 15.87
C VAL C 111 -11.13 13.46 16.41
N ASN C 112 -10.13 12.65 16.08
CA ASN C 112 -8.75 12.89 16.49
C ASN C 112 -8.09 13.79 15.44
N ASN C 113 -8.17 15.09 15.68
CA ASN C 113 -7.69 16.14 14.76
C ASN C 113 -6.45 16.88 15.28
N ALA C 114 -6.34 17.11 16.59
CA ALA C 114 -5.21 17.85 17.17
C ALA C 114 -3.85 17.23 16.78
N SER C 115 -2.90 18.07 16.46
CA SER C 115 -1.63 17.59 15.91
C SER C 115 -0.52 18.63 15.94
N ALA C 116 0.60 18.25 16.54
CA ALA C 116 1.82 19.02 16.42
C ALA C 116 2.51 18.69 15.09
N PHE C 117 3.13 19.70 14.49
CA PHE C 117 3.72 19.56 13.16
C PHE C 117 4.91 20.52 13.03
N TYR C 118 6.10 19.94 13.02
CA TYR C 118 7.32 20.69 12.79
C TYR C 118 8.47 19.75 12.49
N PRO C 119 9.53 20.27 11.84
CA PRO C 119 10.67 19.41 11.52
C PRO C 119 11.49 18.95 12.72
N THR C 120 12.06 17.76 12.57
CA THR C 120 12.96 17.14 13.54
C THR C 120 14.10 16.48 12.75
N PRO C 121 15.08 17.28 12.30
CA PRO C 121 16.17 16.75 11.48
C PRO C 121 16.95 15.64 12.19
N LEU C 122 17.37 14.63 11.44
CA LEU C 122 18.16 13.53 11.98
C LEU C 122 19.61 13.92 12.29
N VAL C 123 20.17 14.82 11.49
CA VAL C 123 21.59 15.20 11.60
C VAL C 123 21.69 16.71 11.84
N LYS C 134 13.62 23.06 21.89
CA LYS C 134 13.06 21.81 22.39
C LYS C 134 14.08 20.69 22.36
N THR C 135 14.19 19.96 23.45
CA THR C 135 15.00 18.77 23.50
C THR C 135 14.33 17.71 22.63
N VAL C 136 15.09 16.73 22.17
CA VAL C 136 14.51 15.71 21.30
CA VAL C 136 14.56 15.66 21.32
C VAL C 136 13.42 14.91 22.02
N GLU C 137 13.58 14.65 23.31
CA GLU C 137 12.58 13.92 24.10
CA GLU C 137 12.52 13.87 23.98
C GLU C 137 11.24 14.69 24.19
N THR C 138 11.33 16.03 24.23
CA THR C 138 10.13 16.87 24.18
C THR C 138 9.46 16.82 22.79
N GLN C 139 10.27 16.87 21.74
CA GLN C 139 9.77 16.68 20.38
C GLN C 139 9.06 15.33 20.19
N VAL C 140 9.67 14.26 20.70
CA VAL C 140 9.03 12.95 20.73
C VAL C 140 7.66 13.03 21.45
N ALA C 141 7.65 13.63 22.63
CA ALA C 141 6.44 13.69 23.45
C ALA C 141 5.33 14.42 22.72
N GLU C 142 5.66 15.54 22.10
CA GLU C 142 4.67 16.34 21.39
C GLU C 142 4.19 15.72 20.09
N LEU C 143 5.12 15.30 19.23
CA LEU C 143 4.78 14.82 17.89
C LEU C 143 4.15 13.42 17.95
N ILE C 144 4.72 12.52 18.75
CA ILE C 144 4.17 11.16 18.87
C ILE C 144 2.98 11.21 19.81
N GLY C 145 3.01 12.08 20.82
CA GLY C 145 1.87 12.22 21.71
C GLY C 145 0.61 12.69 21.04
N THR C 146 0.68 13.87 20.40
CA THR C 146 -0.52 14.42 19.74
C THR C 146 -1.03 13.56 18.60
N ASN C 147 -0.13 13.10 17.72
CA ASN C 147 -0.55 12.38 16.51
C ASN C 147 -0.88 10.90 16.69
N ALA C 148 -0.44 10.25 17.78
CA ALA C 148 -0.63 8.81 17.94
C ALA C 148 -1.08 8.38 19.34
N ILE C 149 -0.35 8.78 20.37
CA ILE C 149 -0.63 8.25 21.70
CA ILE C 149 -0.62 8.24 21.70
C ILE C 149 -1.93 8.80 22.26
N ALA C 150 -2.16 10.10 22.12
CA ALA C 150 -3.43 10.67 22.58
C ALA C 150 -4.61 10.06 21.81
N PRO C 151 -4.55 9.96 20.46
CA PRO C 151 -5.60 9.20 19.77
C PRO C 151 -5.82 7.79 20.32
N PHE C 152 -4.75 7.06 20.64
CA PHE C 152 -4.89 5.74 21.24
C PHE C 152 -5.65 5.79 22.59
N LEU C 153 -5.24 6.71 23.47
CA LEU C 153 -5.80 6.80 24.81
C LEU C 153 -7.26 7.28 24.76
N LEU C 154 -7.52 8.24 23.86
CA LEU C 154 -8.90 8.72 23.63
C LEU C 154 -9.76 7.62 23.07
N THR C 155 -9.18 6.80 22.19
CA THR C 155 -9.89 5.65 21.62
C THR C 155 -10.27 4.65 22.72
N MET C 156 -9.31 4.34 23.59
CA MET C 156 -9.54 3.47 24.75
CA MET C 156 -9.56 3.46 24.73
C MET C 156 -10.69 3.99 25.63
N SER C 157 -10.56 5.24 26.04
CA SER C 157 -11.58 5.86 26.92
C SER C 157 -12.94 5.94 26.25
N PHE C 158 -12.96 6.27 24.97
CA PHE C 158 -14.21 6.32 24.19
C PHE C 158 -14.89 4.94 24.21
N ALA C 159 -14.12 3.90 23.89
CA ALA C 159 -14.65 2.53 23.80
C ALA C 159 -15.10 1.98 25.16
N GLN C 160 -14.27 2.25 26.18
CA GLN C 160 -14.52 1.82 27.55
C GLN C 160 -15.86 2.36 28.08
N ARG C 161 -16.17 3.60 27.71
CA ARG C 161 -17.38 4.26 28.17
C ARG C 161 -18.64 3.79 27.47
N GLN C 162 -18.53 3.03 26.39
CA GLN C 162 -19.74 2.57 25.71
C GLN C 162 -20.19 1.26 26.38
N SER C 172 -28.01 3.51 17.11
CA SER C 172 -26.69 4.00 17.49
C SER C 172 -25.76 3.94 16.29
N ASN C 173 -24.91 4.96 16.16
CA ASN C 173 -23.95 5.01 15.06
C ASN C 173 -22.67 5.62 15.60
N LEU C 174 -21.91 4.78 16.30
CA LEU C 174 -20.70 5.16 16.98
C LEU C 174 -19.55 5.05 16.02
N SER C 175 -18.71 6.08 15.97
CA SER C 175 -17.50 5.99 15.16
C SER C 175 -16.44 6.99 15.59
N ILE C 176 -15.24 6.68 15.14
CA ILE C 176 -14.05 7.47 15.37
C ILE C 176 -13.48 7.84 14.00
N VAL C 177 -13.05 9.09 13.85
CA VAL C 177 -12.37 9.54 12.62
C VAL C 177 -11.03 10.15 13.01
N ASN C 178 -9.96 9.58 12.47
CA ASN C 178 -8.60 10.05 12.67
C ASN C 178 -8.11 10.88 11.49
N LEU C 179 -7.60 12.07 11.77
CA LEU C 179 -7.04 12.94 10.73
C LEU C 179 -5.60 12.49 10.45
N CYS C 180 -5.42 11.85 9.29
CA CYS C 180 -4.20 11.21 8.85
C CYS C 180 -3.47 12.18 7.90
N ASP C 181 -2.72 11.67 6.93
CA ASP C 181 -1.92 12.51 6.08
C ASP C 181 -1.68 11.76 4.78
N ALA C 182 -2.15 12.31 3.66
CA ALA C 182 -2.05 11.60 2.39
C ALA C 182 -0.59 11.43 1.95
N MET C 183 0.31 12.20 2.53
CA MET C 183 1.70 12.22 2.07
C MET C 183 2.62 11.36 2.94
N VAL C 184 2.06 10.48 3.77
CA VAL C 184 2.89 9.66 4.68
C VAL C 184 3.95 8.80 3.99
N ASP C 185 3.74 8.44 2.73
CA ASP C 185 4.74 7.61 2.07
C ASP C 185 5.66 8.41 1.15
N GLN C 186 5.43 9.72 1.09
CA GLN C 186 6.28 10.64 0.35
C GLN C 186 6.47 11.86 1.23
N PRO C 187 7.10 11.65 2.39
CA PRO C 187 7.05 12.61 3.46
C PRO C 187 7.89 13.86 3.18
N CYS C 188 7.53 14.94 3.87
CA CYS C 188 8.36 16.12 3.94
C CYS C 188 9.75 15.79 4.50
N MET C 189 10.76 16.35 3.85
CA MET C 189 12.14 16.22 4.28
C MET C 189 12.34 16.75 5.71
N ALA C 190 13.03 15.97 6.52
CA ALA C 190 13.34 16.32 7.91
C ALA C 190 12.16 16.30 8.90
N PHE C 191 11.05 15.63 8.52
CA PHE C 191 9.88 15.47 9.39
C PHE C 191 9.70 14.03 9.89
N SER C 192 10.78 13.38 10.29
CA SER C 192 10.74 11.97 10.69
CA SER C 192 10.68 11.96 10.62
C SER C 192 9.74 11.71 11.80
N LEU C 193 9.84 12.48 12.87
CA LEU C 193 8.97 12.22 14.03
C LEU C 193 7.48 12.43 13.73
N TYR C 194 7.17 13.51 13.03
CA TYR C 194 5.80 13.78 12.59
C TYR C 194 5.27 12.61 11.75
N ASN C 195 6.07 12.19 10.80
CA ASN C 195 5.73 11.08 9.86
CA ASN C 195 5.73 11.12 9.94
C ASN C 195 5.56 9.78 10.63
N MET C 196 6.45 9.52 11.58
CA MET C 196 6.29 8.33 12.44
C MET C 196 4.95 8.36 13.17
N GLY C 197 4.59 9.52 13.70
CA GLY C 197 3.34 9.72 14.41
C GLY C 197 2.14 9.45 13.51
N LYS C 198 2.19 9.96 12.30
CA LYS C 198 1.06 9.77 11.34
C LYS C 198 0.98 8.32 10.85
N HIS C 199 2.11 7.67 10.66
CA HIS C 199 2.09 6.20 10.40
C HIS C 199 1.50 5.42 11.56
N ALA C 200 1.91 5.73 12.78
CA ALA C 200 1.33 5.08 13.95
C ALA C 200 -0.18 5.26 13.96
N LEU C 201 -0.63 6.44 13.56
CA LEU C 201 -2.07 6.72 13.55
C LEU C 201 -2.81 5.88 12.51
N VAL C 202 -2.17 5.61 11.38
CA VAL C 202 -2.71 4.59 10.43
C VAL C 202 -2.86 3.24 11.12
N GLY C 203 -1.80 2.81 11.81
CA GLY C 203 -1.81 1.58 12.57
C GLY C 203 -2.93 1.53 13.58
N LEU C 204 -3.12 2.62 14.31
CA LEU C 204 -4.21 2.67 15.30
C LEU C 204 -5.57 2.55 14.62
N THR C 205 -5.73 3.25 13.49
CA THR C 205 -6.99 3.23 12.76
C THR C 205 -7.38 1.79 12.38
N GLN C 206 -6.40 1.04 11.85
CA GLN C 206 -6.60 -0.36 11.47
C GLN C 206 -6.81 -1.26 12.66
N SER C 207 -5.92 -1.19 13.63
CA SER C 207 -6.03 -2.05 14.82
C SER C 207 -7.34 -1.81 15.59
N ALA C 208 -7.68 -0.55 15.79
CA ALA C 208 -8.91 -0.22 16.51
C ALA C 208 -10.15 -0.58 15.69
N ALA C 209 -10.12 -0.39 14.36
CA ALA C 209 -11.25 -0.82 13.52
C ALA C 209 -11.52 -2.31 13.74
N LEU C 210 -10.46 -3.11 13.70
CA LEU C 210 -10.57 -4.55 13.93
C LEU C 210 -11.14 -4.92 15.30
N GLU C 211 -10.61 -4.30 16.35
CA GLU C 211 -10.90 -4.69 17.72
C GLU C 211 -12.24 -4.13 18.23
N LEU C 212 -12.66 -2.99 17.70
CA LEU C 212 -13.90 -2.34 18.15
C LEU C 212 -15.08 -2.66 17.27
N ALA C 213 -14.86 -3.35 16.15
CA ALA C 213 -15.96 -3.78 15.26
C ALA C 213 -17.04 -4.57 16.01
N PRO C 214 -16.66 -5.51 16.88
CA PRO C 214 -17.69 -6.24 17.65
C PRO C 214 -18.60 -5.34 18.51
N TYR C 215 -18.13 -4.15 18.85
CA TYR C 215 -18.91 -3.19 19.64
C TYR C 215 -19.73 -2.23 18.76
N GLY C 216 -19.65 -2.41 17.44
CA GLY C 216 -20.33 -1.51 16.51
C GLY C 216 -19.68 -0.14 16.39
N ILE C 217 -18.44 -0.02 16.85
CA ILE C 217 -17.70 1.22 16.72
C ILE C 217 -16.81 1.13 15.47
N ARG C 218 -17.12 1.97 14.48
CA ARG C 218 -16.30 2.07 13.27
C ARG C 218 -15.14 3.03 13.52
N VAL C 219 -14.03 2.77 12.85
CA VAL C 219 -12.82 3.58 13.02
C VAL C 219 -12.19 3.84 11.66
N ASN C 220 -12.22 5.09 11.23
CA ASN C 220 -11.78 5.48 9.87
C ASN C 220 -10.85 6.68 9.91
N GLY C 221 -10.25 7.05 8.77
CA GLY C 221 -9.39 8.20 8.67
C GLY C 221 -9.74 9.06 7.47
N VAL C 222 -9.34 10.33 7.58
CA VAL C 222 -9.40 11.29 6.50
C VAL C 222 -7.98 11.79 6.35
N ALA C 223 -7.45 11.67 5.14
CA ALA C 223 -6.05 12.01 4.87
C ALA C 223 -5.95 13.20 3.91
N PRO C 224 -5.80 14.44 4.45
CA PRO C 224 -5.57 15.60 3.60
C PRO C 224 -4.18 15.55 2.96
N GLY C 225 -4.03 16.21 1.83
CA GLY C 225 -2.71 16.39 1.18
C GLY C 225 -2.19 17.74 1.58
N VAL C 226 -2.45 18.74 0.75
CA VAL C 226 -2.30 20.12 1.17
CA VAL C 226 -2.30 20.13 1.16
C VAL C 226 -3.69 20.73 1.38
N SER C 227 -3.96 21.13 2.61
CA SER C 227 -5.16 21.86 2.96
C SER C 227 -4.62 23.20 3.48
N LEU C 228 -5.20 23.73 4.56
CA LEU C 228 -4.80 25.04 5.06
C LEU C 228 -3.33 25.04 5.39
N LEU C 229 -2.58 25.93 4.75
CA LEU C 229 -1.13 25.93 4.94
C LEU C 229 -0.80 26.53 6.31
N PRO C 230 0.36 26.19 6.87
CA PRO C 230 0.72 26.73 8.19
C PRO C 230 0.76 28.26 8.17
N VAL C 231 0.29 28.88 9.25
CA VAL C 231 0.24 30.34 9.33
C VAL C 231 1.64 30.95 9.17
N ALA C 232 2.62 30.25 9.73
CA ALA C 232 4.03 30.67 9.70
C ALA C 232 4.69 30.53 8.33
N MET C 233 4.13 29.69 7.46
CA MET C 233 4.70 29.45 6.13
C MET C 233 4.61 30.71 5.27
N GLY C 234 5.66 30.97 4.51
CA GLY C 234 5.67 32.13 3.62
C GLY C 234 4.78 31.95 2.41
N GLU C 235 4.39 33.06 1.81
CA GLU C 235 3.45 33.04 0.68
C GLU C 235 4.00 32.31 -0.56
N GLU C 236 5.30 32.52 -0.84
CA GLU C 236 5.97 31.84 -1.95
C GLU C 236 6.00 30.31 -1.76
N GLU C 237 6.26 29.86 -0.52
CA GLU C 237 6.32 28.43 -0.23
C GLU C 237 4.92 27.83 -0.35
N LYS C 238 3.91 28.59 0.08
CA LYS C 238 2.50 28.18 -0.05
C LYS C 238 2.12 27.95 -1.52
N ASP C 239 2.46 28.92 -2.37
CA ASP C 239 2.15 28.80 -3.81
C ASP C 239 2.89 27.65 -4.50
N LYS C 240 4.11 27.37 -4.05
CA LYS C 240 4.89 26.22 -4.53
C LYS C 240 4.10 24.92 -4.31
N TRP C 241 3.51 24.78 -3.13
CA TRP C 241 2.68 23.60 -2.80
C TRP C 241 1.38 23.56 -3.61
N ARG C 242 0.65 24.68 -3.67
CA ARG C 242 -0.59 24.75 -4.44
C ARG C 242 -0.41 24.34 -5.90
N ARG C 243 0.67 24.80 -6.53
CA ARG C 243 0.87 24.51 -7.95
C ARG C 243 1.16 23.03 -8.24
N LYS C 244 1.48 22.25 -7.20
CA LYS C 244 1.71 20.80 -7.35
C LYS C 244 0.40 19.99 -7.44
N VAL C 245 -0.71 20.57 -7.01
CA VAL C 245 -2.00 19.83 -6.87
C VAL C 245 -2.70 19.69 -8.24
N PRO C 246 -2.85 18.45 -8.76
CA PRO C 246 -3.50 18.29 -10.06
C PRO C 246 -4.89 18.90 -10.19
N LEU C 247 -5.72 18.71 -9.17
CA LEU C 247 -7.11 19.13 -9.22
C LEU C 247 -7.25 20.59 -8.76
N GLY C 248 -7.06 21.52 -9.69
CA GLY C 248 -7.27 22.95 -9.40
C GLY C 248 -6.08 23.76 -8.92
N ARG C 249 -4.94 23.12 -8.69
CA ARG C 249 -3.71 23.84 -8.34
C ARG C 249 -3.96 24.74 -7.13
N ARG C 250 -4.65 24.18 -6.14
CA ARG C 250 -5.02 24.92 -4.93
C ARG C 250 -5.12 23.93 -3.80
N GLU C 251 -5.03 24.44 -2.56
CA GLU C 251 -5.21 23.58 -1.38
C GLU C 251 -6.70 23.28 -1.10
N ALA C 252 -6.94 22.20 -0.35
CA ALA C 252 -8.30 21.86 0.13
C ALA C 252 -8.70 22.90 1.13
N SER C 253 -9.93 23.37 1.05
CA SER C 253 -10.50 24.15 2.15
C SER C 253 -10.69 23.23 3.35
N ALA C 254 -10.77 23.81 4.54
CA ALA C 254 -11.08 23.04 5.73
C ALA C 254 -12.44 22.35 5.59
N GLU C 255 -13.38 23.03 4.92
CA GLU C 255 -14.72 22.48 4.71
C GLU C 255 -14.72 21.21 3.87
N GLN C 256 -13.85 21.17 2.85
CA GLN C 256 -13.73 19.98 2.02
C GLN C 256 -13.18 18.79 2.83
N ILE C 257 -12.24 19.05 3.73
CA ILE C 257 -11.77 18.01 4.65
C ILE C 257 -12.93 17.55 5.57
N ALA C 258 -13.63 18.54 6.15
CA ALA C 258 -14.76 18.25 7.00
C ALA C 258 -15.85 17.44 6.30
N ASP C 259 -16.05 17.68 5.01
CA ASP C 259 -17.08 16.91 4.27
C ASP C 259 -16.83 15.39 4.33
N ALA C 260 -15.54 14.98 4.24
CA ALA C 260 -15.19 13.56 4.29
C ALA C 260 -15.43 12.98 5.68
N VAL C 261 -15.14 13.79 6.69
CA VAL C 261 -15.44 13.44 8.08
C VAL C 261 -16.94 13.18 8.28
N ILE C 262 -17.75 14.12 7.82
CA ILE C 262 -19.21 14.02 7.89
C ILE C 262 -19.72 12.75 7.19
N PHE C 263 -19.18 12.46 6.01
CA PHE C 263 -19.53 11.21 5.34
C PHE C 263 -19.26 9.97 6.22
N LEU C 264 -18.06 9.90 6.76
CA LEU C 264 -17.61 8.77 7.52
C LEU C 264 -18.43 8.54 8.80
N VAL C 265 -18.88 9.61 9.44
CA VAL C 265 -19.70 9.47 10.65
C VAL C 265 -21.18 9.20 10.35
N SER C 266 -21.58 9.40 9.09
CA SER C 266 -22.97 9.36 8.66
C SER C 266 -23.47 7.93 8.52
N GLY C 267 -24.80 7.82 8.36
CA GLY C 267 -25.41 6.53 8.07
C GLY C 267 -25.09 5.98 6.69
N SER C 268 -24.54 6.82 5.81
CA SER C 268 -24.12 6.38 4.47
C SER C 268 -22.79 5.63 4.48
N ALA C 269 -22.14 5.58 5.65
CA ALA C 269 -20.86 4.90 5.82
C ALA C 269 -20.96 3.74 6.84
N GLN C 270 -22.16 3.19 7.03
CA GLN C 270 -22.37 2.18 8.09
C GLN C 270 -21.58 0.87 7.97
N TYR C 271 -21.12 0.53 6.77
CA TYR C 271 -20.32 -0.68 6.57
C TYR C 271 -18.82 -0.37 6.43
N ILE C 272 -18.48 0.91 6.53
CA ILE C 272 -17.11 1.36 6.33
C ILE C 272 -16.35 1.44 7.65
N THR C 273 -15.31 0.62 7.79
CA THR C 273 -14.42 0.70 8.92
C THR C 273 -13.02 0.29 8.52
N GLY C 274 -12.03 0.92 9.14
CA GLY C 274 -10.63 0.70 8.77
C GLY C 274 -10.24 1.35 7.45
N SER C 275 -11.06 2.26 6.94
CA SER C 275 -10.79 2.94 5.69
C SER C 275 -10.24 4.33 5.95
N ILE C 276 -9.26 4.72 5.13
CA ILE C 276 -8.70 6.05 5.15
C ILE C 276 -8.93 6.69 3.80
N ILE C 277 -9.73 7.78 3.80
CA ILE C 277 -10.10 8.47 2.59
C ILE C 277 -9.13 9.63 2.36
N LYS C 278 -8.34 9.53 1.29
CA LYS C 278 -7.51 10.66 0.85
C LYS C 278 -8.42 11.75 0.33
N VAL C 279 -8.11 12.98 0.74
CA VAL C 279 -8.78 14.18 0.23
C VAL C 279 -7.64 15.12 -0.14
N ASP C 280 -7.03 14.86 -1.30
CA ASP C 280 -5.76 15.48 -1.66
C ASP C 280 -5.64 16.03 -3.09
N GLY C 281 -6.74 16.01 -3.84
CA GLY C 281 -6.74 16.62 -5.19
C GLY C 281 -5.73 15.96 -6.11
N GLY C 282 -5.38 14.70 -5.79
CA GLY C 282 -4.43 13.92 -6.57
C GLY C 282 -2.95 14.19 -6.25
N LEU C 283 -2.67 15.01 -5.23
CA LEU C 283 -1.26 15.41 -4.93
C LEU C 283 -0.36 14.18 -4.72
N SER C 284 -0.85 13.18 -3.99
CA SER C 284 -0.01 11.98 -3.70
C SER C 284 0.32 11.11 -4.92
N LEU C 285 -0.39 11.32 -6.02
CA LEU C 285 -0.15 10.62 -7.27
C LEU C 285 0.95 11.23 -8.13
N VAL C 286 1.46 12.39 -7.73
CA VAL C 286 2.37 13.15 -8.55
C VAL C 286 3.80 12.75 -8.21
N HIS C 287 4.54 12.24 -9.19
CA HIS C 287 5.93 11.89 -8.96
C HIS C 287 6.82 13.11 -8.76
N ALA C 288 8.01 12.87 -8.24
CA ALA C 288 9.02 13.90 -8.04
C ALA C 288 9.31 14.70 -9.31
N GLU D 22 -31.28 21.78 -15.65
CA GLU D 22 -31.44 20.42 -16.26
C GLU D 22 -30.56 19.37 -15.54
N ALA D 23 -31.04 18.14 -15.56
CA ALA D 23 -30.48 17.09 -14.73
C ALA D 23 -29.23 16.49 -15.35
N PRO D 24 -28.25 16.17 -14.50
CA PRO D 24 -27.05 15.51 -14.98
C PRO D 24 -27.36 14.08 -15.41
N ALA D 25 -26.46 13.44 -16.15
CA ALA D 25 -26.66 12.08 -16.63
C ALA D 25 -25.47 11.21 -16.27
N ALA D 26 -25.75 9.94 -16.00
CA ALA D 26 -24.74 8.95 -15.58
C ALA D 26 -24.87 7.70 -16.41
N VAL D 27 -23.73 7.15 -16.81
CA VAL D 27 -23.63 5.78 -17.31
C VAL D 27 -23.22 4.80 -16.19
N VAL D 28 -23.98 3.73 -16.01
CA VAL D 28 -23.61 2.66 -15.08
C VAL D 28 -23.50 1.35 -15.85
N THR D 29 -22.29 0.76 -15.87
CA THR D 29 -22.13 -0.51 -16.59
C THR D 29 -22.58 -1.67 -15.70
N GLY D 30 -23.14 -2.69 -16.35
CA GLY D 30 -23.66 -3.87 -15.67
C GLY D 30 -24.68 -3.46 -14.63
N ALA D 31 -25.65 -2.64 -15.06
CA ALA D 31 -26.58 -1.98 -14.13
C ALA D 31 -27.92 -2.71 -13.94
N ALA D 32 -28.11 -3.85 -14.62
CA ALA D 32 -29.43 -4.53 -14.61
C ALA D 32 -29.73 -5.18 -13.28
N LYS D 33 -28.69 -5.58 -12.56
CA LYS D 33 -28.89 -6.28 -11.32
CA LYS D 33 -28.82 -6.38 -11.36
C LYS D 33 -27.82 -5.96 -10.28
N ARG D 34 -28.11 -6.41 -9.06
CA ARG D 34 -27.16 -6.43 -7.95
C ARG D 34 -26.60 -5.05 -7.66
N ILE D 35 -25.27 -4.92 -7.52
CA ILE D 35 -24.69 -3.64 -7.08
C ILE D 35 -24.89 -2.55 -8.14
N GLY D 36 -24.75 -2.90 -9.41
CA GLY D 36 -24.88 -1.90 -10.47
C GLY D 36 -26.30 -1.34 -10.48
N ARG D 37 -27.28 -2.20 -10.23
CA ARG D 37 -28.66 -1.74 -10.16
C ARG D 37 -28.87 -0.80 -8.98
N ALA D 38 -28.32 -1.14 -7.82
CA ALA D 38 -28.44 -0.28 -6.67
C ALA D 38 -27.81 1.08 -6.91
N ILE D 39 -26.66 1.10 -7.58
CA ILE D 39 -26.00 2.34 -7.95
C ILE D 39 -26.89 3.14 -8.91
N ALA D 40 -27.43 2.51 -9.94
CA ALA D 40 -28.31 3.20 -10.88
C ALA D 40 -29.51 3.83 -10.18
N VAL D 41 -30.14 3.05 -9.32
CA VAL D 41 -31.29 3.52 -8.55
C VAL D 41 -30.94 4.71 -7.67
N LYS D 42 -29.81 4.64 -6.93
CA LYS D 42 -29.46 5.74 -6.02
C LYS D 42 -29.10 6.99 -6.80
N LEU D 43 -28.37 6.84 -7.91
CA LEU D 43 -28.07 8.00 -8.74
C LEU D 43 -29.38 8.62 -9.21
N HIS D 44 -30.30 7.77 -9.65
CA HIS D 44 -31.58 8.27 -10.16
C HIS D 44 -32.36 9.03 -9.07
N GLN D 45 -32.36 8.46 -7.86
CA GLN D 45 -33.00 9.10 -6.70
C GLN D 45 -32.37 10.43 -6.33
N THR D 46 -31.08 10.59 -6.62
CA THR D 46 -30.35 11.83 -6.40
C THR D 46 -30.65 12.89 -7.45
N GLY D 47 -31.24 12.52 -8.58
CA GLY D 47 -31.55 13.48 -9.62
C GLY D 47 -30.92 13.24 -10.97
N TYR D 48 -30.12 12.18 -11.10
CA TYR D 48 -29.51 11.80 -12.38
C TYR D 48 -30.48 11.10 -13.34
N ARG D 49 -30.30 11.41 -14.63
CA ARG D 49 -30.79 10.55 -15.71
C ARG D 49 -29.73 9.45 -15.89
N VAL D 50 -30.14 8.24 -16.23
CA VAL D 50 -29.23 7.09 -16.23
CA VAL D 50 -29.24 7.09 -16.22
C VAL D 50 -29.29 6.25 -17.51
N VAL D 51 -28.11 5.89 -17.98
CA VAL D 51 -27.93 4.81 -18.98
C VAL D 51 -27.62 3.53 -18.21
N ILE D 52 -28.53 2.58 -18.36
CA ILE D 52 -28.45 1.26 -17.75
C ILE D 52 -27.80 0.35 -18.78
N HIS D 53 -26.48 0.20 -18.69
CA HIS D 53 -25.80 -0.74 -19.56
C HIS D 53 -25.99 -2.18 -19.04
N TYR D 54 -26.10 -3.12 -19.97
CA TYR D 54 -26.20 -4.53 -19.63
C TYR D 54 -25.59 -5.37 -20.75
N HIS D 55 -25.35 -6.66 -20.49
CA HIS D 55 -24.84 -7.56 -21.52
C HIS D 55 -25.92 -8.61 -21.83
N ASN D 56 -26.13 -9.55 -20.91
CA ASN D 56 -27.11 -10.61 -21.09
C ASN D 56 -28.46 -10.36 -20.42
N SER D 57 -28.50 -9.47 -19.43
CA SER D 57 -29.71 -9.33 -18.61
C SER D 57 -30.69 -8.29 -19.17
N ALA D 58 -31.21 -8.55 -20.38
CA ALA D 58 -32.05 -7.60 -21.09
C ALA D 58 -33.36 -7.31 -20.38
N GLU D 59 -34.00 -8.37 -19.86
CA GLU D 59 -35.29 -8.25 -19.19
C GLU D 59 -35.19 -7.43 -17.92
N ALA D 60 -34.17 -7.69 -17.10
CA ALA D 60 -33.91 -6.92 -15.89
C ALA D 60 -33.55 -5.46 -16.20
N ALA D 61 -32.77 -5.24 -17.26
CA ALA D 61 -32.40 -3.88 -17.66
C ALA D 61 -33.63 -3.04 -18.04
N VAL D 62 -34.47 -3.61 -18.89
CA VAL D 62 -35.68 -2.95 -19.36
C VAL D 62 -36.67 -2.70 -18.21
N SER D 63 -36.80 -3.68 -17.32
CA SER D 63 -37.63 -3.55 -16.13
C SER D 63 -37.17 -2.39 -15.22
N LEU D 64 -35.87 -2.26 -15.03
CA LEU D 64 -35.35 -1.15 -14.24
C LEU D 64 -35.60 0.19 -14.94
N ALA D 65 -35.34 0.27 -16.25
CA ALA D 65 -35.59 1.52 -16.98
C ALA D 65 -37.06 1.92 -16.85
N ASP D 66 -37.95 0.95 -16.96
CA ASP D 66 -39.39 1.13 -16.75
C ASP D 66 -39.72 1.68 -15.38
N GLU D 67 -39.20 1.06 -14.33
CA GLU D 67 -39.39 1.57 -12.97
C GLU D 67 -38.92 3.02 -12.83
N LEU D 68 -37.72 3.32 -13.32
CA LEU D 68 -37.16 4.66 -13.18
C LEU D 68 -37.93 5.72 -13.98
N ASN D 69 -38.34 5.38 -15.19
CA ASN D 69 -39.10 6.32 -16.02
C ASN D 69 -40.52 6.55 -15.49
N LYS D 70 -41.07 5.53 -14.82
CA LYS D 70 -42.36 5.68 -14.15
C LYS D 70 -42.24 6.68 -13.02
N GLU D 71 -41.08 6.74 -12.37
CA GLU D 71 -40.83 7.73 -11.34
C GLU D 71 -40.60 9.13 -11.94
N ARG D 72 -39.75 9.24 -12.97
CA ARG D 72 -39.59 10.50 -13.70
C ARG D 72 -39.46 10.19 -15.19
N SER D 73 -40.36 10.72 -16.02
CA SER D 73 -40.35 10.31 -17.44
C SER D 73 -39.09 10.76 -18.15
N ASN D 74 -38.64 9.93 -19.09
CA ASN D 74 -37.48 10.22 -19.95
C ASN D 74 -36.20 10.43 -19.17
N THR D 75 -36.00 9.63 -18.13
CA THR D 75 -34.78 9.74 -17.31
C THR D 75 -33.92 8.47 -17.32
N ALA D 76 -34.33 7.46 -18.08
CA ALA D 76 -33.60 6.19 -18.13
C ALA D 76 -33.68 5.55 -19.51
N VAL D 77 -32.53 5.04 -19.96
CA VAL D 77 -32.46 4.22 -21.17
C VAL D 77 -31.56 3.03 -20.90
N VAL D 78 -31.76 1.95 -21.64
CA VAL D 78 -30.82 0.81 -21.61
C VAL D 78 -29.87 0.88 -22.81
N CYS D 79 -28.72 0.24 -22.64
CA CYS D 79 -27.72 0.16 -23.69
C CYS D 79 -27.00 -1.19 -23.56
N GLN D 80 -27.13 -2.04 -24.57
CA GLN D 80 -26.51 -3.38 -24.54
C GLN D 80 -25.10 -3.33 -25.13
N ALA D 81 -24.17 -4.01 -24.47
CA ALA D 81 -22.82 -4.17 -24.99
C ALA D 81 -22.06 -5.27 -24.28
N ASP D 82 -21.36 -6.08 -25.07
CA ASP D 82 -20.38 -7.01 -24.56
C ASP D 82 -19.11 -6.20 -24.29
N LEU D 83 -18.57 -6.36 -23.08
CA LEU D 83 -17.37 -5.61 -22.68
C LEU D 83 -16.14 -6.54 -22.60
N THR D 84 -16.23 -7.71 -23.22
CA THR D 84 -15.07 -8.60 -23.44
C THR D 84 -14.06 -7.89 -24.33
N ASN D 85 -12.78 -8.10 -24.07
CA ASN D 85 -11.76 -7.48 -24.90
C ASN D 85 -11.83 -8.08 -26.30
N SER D 86 -11.65 -7.21 -27.28
CA SER D 86 -11.60 -7.57 -28.70
C SER D 86 -11.25 -6.30 -29.46
N ASN D 87 -11.07 -6.45 -30.77
CA ASN D 87 -10.75 -5.31 -31.62
C ASN D 87 -11.91 -4.34 -31.83
N VAL D 88 -13.12 -4.75 -31.45
CA VAL D 88 -14.32 -3.93 -31.54
CA VAL D 88 -14.32 -3.91 -31.55
C VAL D 88 -14.68 -3.30 -30.20
N LEU D 89 -14.00 -3.71 -29.13
CA LEU D 89 -14.33 -3.15 -27.82
C LEU D 89 -14.24 -1.61 -27.79
N PRO D 90 -13.19 -1.01 -28.39
CA PRO D 90 -13.21 0.46 -28.41
C PRO D 90 -14.50 1.04 -29.01
N ALA D 91 -14.98 0.49 -30.13
CA ALA D 91 -16.22 0.95 -30.72
C ALA D 91 -17.39 0.75 -29.77
N SER D 92 -17.44 -0.41 -29.10
CA SER D 92 -18.53 -0.67 -28.16
C SER D 92 -18.57 0.35 -27.02
N CYS D 93 -17.38 0.67 -26.51
CA CYS D 93 -17.26 1.62 -25.41
C CYS D 93 -17.61 3.02 -25.85
N GLU D 94 -17.12 3.45 -27.01
CA GLU D 94 -17.56 4.72 -27.59
C GLU D 94 -19.06 4.79 -27.75
N GLU D 95 -19.68 3.69 -28.18
CA GLU D 95 -21.13 3.64 -28.36
C GLU D 95 -21.92 3.75 -27.06
N ILE D 96 -21.42 3.17 -25.97
CA ILE D 96 -22.04 3.35 -24.65
C ILE D 96 -22.09 4.83 -24.25
N ILE D 97 -20.97 5.53 -24.38
CA ILE D 97 -20.91 6.96 -24.05
C ILE D 97 -21.81 7.74 -25.02
N ASN D 98 -21.71 7.43 -26.31
CA ASN D 98 -22.61 8.01 -27.32
CA ASN D 98 -22.60 8.03 -27.31
C ASN D 98 -24.07 7.86 -26.95
N SER D 99 -24.44 6.71 -26.39
CA SER D 99 -25.85 6.49 -26.03
C SER D 99 -26.34 7.46 -24.96
N CYS D 100 -25.46 7.82 -24.02
CA CYS D 100 -25.79 8.82 -23.00
C CYS D 100 -26.01 10.19 -23.61
N PHE D 101 -25.12 10.62 -24.49
CA PHE D 101 -25.30 11.88 -25.21
C PHE D 101 -26.55 11.87 -26.10
N ARG D 102 -26.81 10.76 -26.77
CA ARG D 102 -27.99 10.66 -27.62
C ARG D 102 -29.30 10.84 -26.82
N ALA D 103 -29.38 10.16 -25.68
CA ALA D 103 -30.57 10.20 -24.83
C ALA D 103 -30.70 11.52 -24.07
N PHE D 104 -29.59 12.01 -23.52
CA PHE D 104 -29.64 13.08 -22.52
C PHE D 104 -28.86 14.35 -22.83
N GLY D 105 -28.04 14.32 -23.87
CA GLY D 105 -27.30 15.49 -24.34
C GLY D 105 -26.06 15.85 -23.55
N ARG D 106 -25.68 14.97 -22.61
CA ARG D 106 -24.57 15.19 -21.71
C ARG D 106 -24.21 13.87 -21.04
N CYS D 107 -23.02 13.82 -20.46
CA CYS D 107 -22.59 12.66 -19.70
C CYS D 107 -21.66 13.15 -18.61
N ASP D 108 -22.20 13.17 -17.39
CA ASP D 108 -21.52 13.75 -16.24
C ASP D 108 -20.76 12.75 -15.40
N VAL D 109 -21.28 11.53 -15.30
CA VAL D 109 -20.77 10.48 -14.44
C VAL D 109 -20.67 9.15 -15.19
N LEU D 110 -19.54 8.47 -15.02
CA LEU D 110 -19.34 7.09 -15.51
C LEU D 110 -19.03 6.20 -14.32
N VAL D 111 -19.82 5.13 -14.17
CA VAL D 111 -19.54 4.13 -13.14
C VAL D 111 -19.17 2.83 -13.82
N ASN D 112 -17.92 2.42 -13.63
CA ASN D 112 -17.41 1.17 -14.19
C ASN D 112 -17.63 0.02 -13.21
N ASN D 113 -18.77 -0.64 -13.36
CA ASN D 113 -19.23 -1.65 -12.44
C ASN D 113 -19.23 -3.07 -13.03
N ALA D 114 -19.52 -3.20 -14.33
CA ALA D 114 -19.59 -4.52 -14.98
C ALA D 114 -18.31 -5.31 -14.80
N SER D 115 -18.44 -6.61 -14.58
CA SER D 115 -17.30 -7.39 -14.22
C SER D 115 -17.53 -8.87 -14.33
N ALA D 116 -16.65 -9.53 -15.08
CA ALA D 116 -16.57 -10.99 -15.05
C ALA D 116 -15.76 -11.41 -13.83
N PHE D 117 -16.20 -12.52 -13.23
CA PHE D 117 -15.59 -13.02 -12.00
C PHE D 117 -15.70 -14.55 -11.94
N TYR D 118 -14.58 -15.22 -12.11
CA TYR D 118 -14.55 -16.69 -12.03
C TYR D 118 -13.09 -17.15 -11.95
N PRO D 119 -12.86 -18.36 -11.44
CA PRO D 119 -11.51 -18.85 -11.29
C PRO D 119 -10.84 -19.19 -12.62
N THR D 120 -9.53 -18.96 -12.65
CA THR D 120 -8.66 -19.31 -13.76
C THR D 120 -7.36 -19.90 -13.14
N PRO D 121 -7.42 -21.18 -12.74
CA PRO D 121 -6.27 -21.84 -12.09
C PRO D 121 -5.04 -21.84 -12.99
N LEU D 122 -3.87 -21.69 -12.38
CA LEU D 122 -2.62 -21.72 -13.09
C LEU D 122 -2.20 -23.13 -13.49
N VAL D 123 -2.61 -24.13 -12.70
CA VAL D 123 -2.31 -25.55 -13.02
C VAL D 123 -3.56 -26.43 -13.00
N GLY D 133 -14.80 -24.85 -19.79
CA GLY D 133 -15.23 -24.86 -21.18
C GLY D 133 -14.54 -23.78 -22.02
N LYS D 134 -14.29 -22.63 -21.41
CA LYS D 134 -13.67 -21.50 -22.10
C LYS D 134 -12.18 -21.70 -22.32
N THR D 135 -11.70 -21.19 -23.44
CA THR D 135 -10.29 -21.23 -23.75
C THR D 135 -9.60 -20.17 -22.89
N VAL D 136 -8.29 -20.30 -22.74
CA VAL D 136 -7.58 -19.33 -21.91
CA VAL D 136 -7.53 -19.34 -21.95
C VAL D 136 -7.64 -17.94 -22.57
N GLU D 137 -7.58 -17.87 -23.91
CA GLU D 137 -7.69 -16.58 -24.57
C GLU D 137 -9.05 -15.91 -24.28
N THR D 138 -10.13 -16.69 -24.19
CA THR D 138 -11.45 -16.16 -23.80
C THR D 138 -11.49 -15.67 -22.36
N GLN D 139 -10.86 -16.43 -21.47
CA GLN D 139 -10.78 -16.04 -20.08
CA GLN D 139 -10.74 -16.06 -20.05
C GLN D 139 -10.02 -14.71 -19.90
N VAL D 140 -8.90 -14.56 -20.59
CA VAL D 140 -8.14 -13.31 -20.57
C VAL D 140 -9.02 -12.17 -21.09
N ALA D 141 -9.63 -12.40 -22.25
CA ALA D 141 -10.51 -11.41 -22.88
C ALA D 141 -11.63 -10.93 -21.95
N GLU D 142 -12.31 -11.88 -21.31
CA GLU D 142 -13.45 -11.54 -20.47
C GLU D 142 -13.04 -10.86 -19.18
N LEU D 143 -12.07 -11.47 -18.50
CA LEU D 143 -11.67 -11.01 -17.17
C LEU D 143 -10.88 -9.71 -17.24
N ILE D 144 -9.94 -9.61 -18.16
CA ILE D 144 -9.16 -8.37 -18.30
C ILE D 144 -9.97 -7.28 -19.03
N GLY D 145 -10.76 -7.68 -20.01
CA GLY D 145 -11.64 -6.73 -20.73
C GLY D 145 -12.61 -6.02 -19.83
N THR D 146 -13.41 -6.78 -19.08
CA THR D 146 -14.49 -6.21 -18.30
C THR D 146 -13.93 -5.40 -17.15
N ASN D 147 -12.90 -5.93 -16.47
CA ASN D 147 -12.40 -5.31 -15.26
C ASN D 147 -11.42 -4.16 -15.49
N ALA D 148 -10.80 -4.10 -16.67
CA ALA D 148 -9.70 -3.14 -16.90
C ALA D 148 -9.75 -2.44 -18.25
N ILE D 149 -9.79 -3.18 -19.35
CA ILE D 149 -9.68 -2.55 -20.66
CA ILE D 149 -9.69 -2.54 -20.66
C ILE D 149 -10.94 -1.72 -21.01
N ALA D 150 -12.11 -2.30 -20.78
CA ALA D 150 -13.35 -1.56 -21.02
C ALA D 150 -13.43 -0.27 -20.16
N PRO D 151 -13.19 -0.36 -18.82
CA PRO D 151 -13.03 0.86 -18.03
C PRO D 151 -12.09 1.91 -18.68
N PHE D 152 -10.95 1.46 -19.20
CA PHE D 152 -10.00 2.35 -19.87
C PHE D 152 -10.62 3.02 -21.10
N LEU D 153 -11.21 2.21 -21.95
CA LEU D 153 -11.80 2.71 -23.19
C LEU D 153 -13.01 3.63 -22.91
N LEU D 154 -13.82 3.23 -21.94
CA LEU D 154 -14.96 4.06 -21.49
C LEU D 154 -14.48 5.39 -20.91
N THR D 155 -13.38 5.37 -20.18
CA THR D 155 -12.75 6.58 -19.64
C THR D 155 -12.27 7.50 -20.76
N MET D 156 -11.60 6.92 -21.76
CA MET D 156 -11.16 7.66 -22.95
CA MET D 156 -11.15 7.68 -22.92
C MET D 156 -12.32 8.34 -23.64
N SER D 157 -13.35 7.56 -23.97
CA SER D 157 -14.52 8.09 -24.68
C SER D 157 -15.27 9.14 -23.87
N PHE D 158 -15.38 8.90 -22.56
CA PHE D 158 -16.03 9.84 -21.65
C PHE D 158 -15.27 11.17 -21.68
N ALA D 159 -13.95 11.12 -21.54
CA ALA D 159 -13.13 12.34 -21.49
C ALA D 159 -13.14 13.11 -22.81
N GLN D 160 -13.02 12.37 -23.91
CA GLN D 160 -12.99 12.94 -25.26
C GLN D 160 -14.29 13.66 -25.56
N ARG D 161 -15.41 13.17 -25.03
CA ARG D 161 -16.71 13.82 -25.32
C ARG D 161 -16.96 15.09 -24.50
N GLN D 162 -16.19 15.32 -23.44
CA GLN D 162 -16.34 16.52 -22.61
C GLN D 162 -15.69 17.72 -23.27
N SER D 171 -19.66 25.18 -12.24
CA SER D 171 -21.02 24.67 -12.38
C SER D 171 -21.12 23.13 -12.60
N SER D 172 -20.09 22.53 -13.19
CA SER D 172 -20.13 21.09 -13.53
C SER D 172 -19.49 20.24 -12.44
N ASN D 173 -19.81 18.95 -12.42
CA ASN D 173 -19.18 18.04 -11.46
C ASN D 173 -19.01 16.69 -12.14
N LEU D 174 -18.00 16.62 -12.99
CA LEU D 174 -17.73 15.42 -13.80
C LEU D 174 -16.90 14.46 -13.00
N SER D 175 -17.28 13.18 -12.99
CA SER D 175 -16.45 12.18 -12.33
C SER D 175 -16.71 10.75 -12.78
N ILE D 176 -15.73 9.92 -12.52
CA ILE D 176 -15.74 8.50 -12.81
C ILE D 176 -15.55 7.75 -11.49
N VAL D 177 -16.32 6.69 -11.31
CA VAL D 177 -16.15 5.80 -10.15
C VAL D 177 -15.97 4.37 -10.66
N ASN D 178 -14.87 3.76 -10.27
CA ASN D 178 -14.53 2.40 -10.66
C ASN D 178 -14.80 1.46 -9.50
N LEU D 179 -15.53 0.40 -9.74
CA LEU D 179 -15.78 -0.60 -8.73
C LEU D 179 -14.57 -1.52 -8.67
N CYS D 180 -13.82 -1.35 -7.59
CA CYS D 180 -12.56 -2.04 -7.35
C CYS D 180 -12.83 -3.23 -6.44
N ASP D 181 -11.83 -3.66 -5.65
CA ASP D 181 -11.97 -4.83 -4.81
C ASP D 181 -11.05 -4.68 -3.60
N ALA D 182 -11.62 -4.69 -2.40
CA ALA D 182 -10.85 -4.48 -1.18
C ALA D 182 -9.83 -5.62 -0.91
N MET D 183 -10.04 -6.77 -1.55
CA MET D 183 -9.22 -7.95 -1.31
C MET D 183 -8.12 -8.18 -2.36
N VAL D 184 -7.79 -7.17 -3.17
CA VAL D 184 -6.82 -7.34 -4.25
C VAL D 184 -5.43 -7.78 -3.75
N ASP D 185 -5.10 -7.45 -2.51
CA ASP D 185 -3.82 -7.88 -1.95
C ASP D 185 -3.90 -9.15 -1.11
N GLN D 186 -5.10 -9.70 -0.98
CA GLN D 186 -5.32 -10.97 -0.28
C GLN D 186 -6.34 -11.72 -1.11
N PRO D 187 -5.95 -12.06 -2.34
CA PRO D 187 -6.92 -12.50 -3.31
C PRO D 187 -7.45 -13.91 -3.08
N CYS D 188 -8.61 -14.18 -3.66
CA CYS D 188 -9.13 -15.54 -3.72
C CYS D 188 -8.18 -16.44 -4.49
N MET D 189 -7.99 -17.65 -3.96
CA MET D 189 -7.18 -18.67 -4.56
C MET D 189 -7.66 -18.99 -5.97
N ALA D 190 -6.72 -18.99 -6.93
CA ALA D 190 -6.97 -19.37 -8.32
C ALA D 190 -7.79 -18.36 -9.11
N PHE D 191 -7.77 -17.10 -8.67
CA PHE D 191 -8.43 -15.99 -9.36
C PHE D 191 -7.41 -15.01 -9.93
N SER D 192 -6.29 -15.53 -10.47
CA SER D 192 -5.22 -14.63 -10.91
CA SER D 192 -5.20 -14.67 -10.95
C SER D 192 -5.67 -13.63 -11.96
N LEU D 193 -6.41 -14.07 -13.00
CA LEU D 193 -6.81 -13.14 -14.08
C LEU D 193 -7.78 -12.09 -13.56
N TYR D 194 -8.76 -12.49 -12.76
CA TYR D 194 -9.64 -11.51 -12.12
C TYR D 194 -8.83 -10.47 -11.31
N ASN D 195 -7.93 -10.96 -10.49
CA ASN D 195 -7.14 -10.12 -9.61
CA ASN D 195 -7.16 -10.10 -9.61
C ASN D 195 -6.23 -9.17 -10.40
N MET D 196 -5.64 -9.67 -11.47
CA MET D 196 -4.86 -8.85 -12.37
C MET D 196 -5.73 -7.71 -12.92
N GLY D 197 -6.95 -8.03 -13.35
CA GLY D 197 -7.88 -7.04 -13.86
C GLY D 197 -8.21 -5.95 -12.85
N LYS D 198 -8.49 -6.36 -11.62
CA LYS D 198 -8.78 -5.38 -10.59
C LYS D 198 -7.56 -4.55 -10.18
N HIS D 199 -6.37 -5.14 -10.17
CA HIS D 199 -5.15 -4.34 -9.92
C HIS D 199 -4.95 -3.31 -11.04
N ALA D 200 -5.17 -3.74 -12.30
CA ALA D 200 -5.10 -2.84 -13.45
C ALA D 200 -6.09 -1.68 -13.27
N LEU D 201 -7.26 -1.97 -12.72
CA LEU D 201 -8.30 -0.95 -12.49
C LEU D 201 -7.86 0.09 -11.44
N VAL D 202 -7.10 -0.35 -10.43
CA VAL D 202 -6.48 0.58 -9.48
C VAL D 202 -5.52 1.50 -10.22
N GLY D 203 -4.68 0.92 -11.07
CA GLY D 203 -3.76 1.70 -11.88
C GLY D 203 -4.44 2.71 -12.77
N LEU D 204 -5.52 2.27 -13.43
CA LEU D 204 -6.34 3.19 -14.23
C LEU D 204 -6.90 4.33 -13.39
N THR D 205 -7.47 3.98 -12.24
CA THR D 205 -8.06 5.02 -11.35
C THR D 205 -7.03 6.11 -11.05
N GLN D 206 -5.80 5.70 -10.74
CA GLN D 206 -4.72 6.62 -10.40
C GLN D 206 -4.25 7.43 -11.62
N SER D 207 -3.96 6.73 -12.71
CA SER D 207 -3.43 7.36 -13.91
C SER D 207 -4.43 8.33 -14.52
N ALA D 208 -5.69 7.91 -14.55
CA ALA D 208 -6.75 8.76 -15.07
C ALA D 208 -7.06 9.95 -14.14
N ALA D 209 -7.00 9.75 -12.82
CA ALA D 209 -7.15 10.87 -11.89
C ALA D 209 -6.11 11.94 -12.19
N LEU D 210 -4.87 11.51 -12.36
CA LEU D 210 -3.76 12.42 -12.64
CA LEU D 210 -3.76 12.42 -12.67
C LEU D 210 -3.97 13.18 -13.97
N GLU D 211 -4.29 12.44 -15.02
CA GLU D 211 -4.31 12.99 -16.37
C GLU D 211 -5.54 13.83 -16.67
N LEU D 212 -6.66 13.50 -16.02
CA LEU D 212 -7.93 14.19 -16.26
C LEU D 212 -8.25 15.32 -15.27
N ALA D 213 -7.44 15.44 -14.22
CA ALA D 213 -7.59 16.53 -13.24
C ALA D 213 -7.65 17.92 -13.91
N PRO D 214 -6.76 18.19 -14.89
CA PRO D 214 -6.81 19.48 -15.62
C PRO D 214 -8.14 19.77 -16.32
N TYR D 215 -8.94 18.74 -16.57
CA TYR D 215 -10.25 18.88 -17.21
C TYR D 215 -11.40 18.92 -16.20
N GLY D 216 -11.05 18.90 -14.92
CA GLY D 216 -12.04 18.89 -13.85
C GLY D 216 -12.80 17.59 -13.74
N ILE D 217 -12.22 16.51 -14.27
CA ILE D 217 -12.83 15.19 -14.15
C ILE D 217 -12.11 14.43 -13.03
N ARG D 218 -12.84 14.11 -11.97
CA ARG D 218 -12.31 13.35 -10.86
C ARG D 218 -12.51 11.85 -11.13
N VAL D 219 -11.58 11.04 -10.66
CA VAL D 219 -11.60 9.61 -10.90
C VAL D 219 -11.29 8.89 -9.59
N ASN D 220 -12.24 8.13 -9.08
CA ASN D 220 -12.12 7.48 -7.78
C ASN D 220 -12.61 6.06 -7.87
N GLY D 221 -12.48 5.32 -6.77
CA GLY D 221 -13.00 3.99 -6.72
C GLY D 221 -13.71 3.66 -5.43
N VAL D 222 -14.50 2.61 -5.49
CA VAL D 222 -15.14 2.03 -4.33
C VAL D 222 -14.77 0.58 -4.37
N ALA D 223 -14.30 0.07 -3.23
CA ALA D 223 -13.75 -1.27 -3.12
C ALA D 223 -14.53 -2.10 -2.10
N PRO D 224 -15.51 -2.86 -2.56
CA PRO D 224 -16.22 -3.77 -1.67
C PRO D 224 -15.32 -4.91 -1.21
N GLY D 225 -15.63 -5.47 -0.02
CA GLY D 225 -14.99 -6.71 0.43
C GLY D 225 -15.86 -7.91 0.05
N VAL D 226 -16.75 -8.31 0.95
CA VAL D 226 -17.83 -9.21 0.58
C VAL D 226 -19.12 -8.43 0.59
N SER D 227 -19.75 -8.37 -0.58
CA SER D 227 -21.07 -7.79 -0.74
C SER D 227 -21.93 -8.95 -1.28
N LEU D 228 -22.82 -8.67 -2.22
CA LEU D 228 -23.76 -9.69 -2.67
C LEU D 228 -23.00 -10.89 -3.18
N LEU D 229 -23.26 -12.05 -2.58
CA LEU D 229 -22.48 -13.24 -2.91
C LEU D 229 -22.92 -13.76 -4.29
N PRO D 230 -22.05 -14.52 -4.96
CA PRO D 230 -22.46 -14.98 -6.28
C PRO D 230 -23.72 -15.83 -6.21
N VAL D 231 -24.57 -15.73 -7.24
CA VAL D 231 -25.83 -16.47 -7.27
C VAL D 231 -25.57 -17.99 -7.22
N ALA D 232 -24.49 -18.42 -7.87
CA ALA D 232 -24.11 -19.84 -7.90
C ALA D 232 -23.51 -20.38 -6.60
N MET D 233 -23.02 -19.50 -5.73
CA MET D 233 -22.35 -19.96 -4.51
C MET D 233 -23.32 -20.68 -3.58
N GLY D 234 -22.86 -21.77 -2.98
CA GLY D 234 -23.64 -22.53 -2.03
C GLY D 234 -23.78 -21.79 -0.71
N GLU D 235 -24.84 -22.08 0.03
CA GLU D 235 -25.13 -21.32 1.25
C GLU D 235 -24.06 -21.51 2.32
N GLU D 236 -23.43 -22.67 2.36
CA GLU D 236 -22.40 -22.94 3.35
C GLU D 236 -21.20 -22.00 3.14
N GLU D 237 -20.79 -21.85 1.89
CA GLU D 237 -19.68 -20.99 1.53
C GLU D 237 -20.04 -19.52 1.73
N LYS D 238 -21.29 -19.16 1.45
CA LYS D 238 -21.76 -17.77 1.73
C LYS D 238 -21.60 -17.47 3.22
N ASP D 239 -22.06 -18.40 4.06
CA ASP D 239 -21.98 -18.20 5.50
C ASP D 239 -20.53 -18.17 5.99
N LYS D 240 -19.66 -18.92 5.34
CA LYS D 240 -18.22 -18.91 5.66
C LYS D 240 -17.65 -17.52 5.49
N TRP D 241 -18.02 -16.88 4.38
CA TRP D 241 -17.56 -15.51 4.10
C TRP D 241 -18.16 -14.50 5.07
N ARG D 242 -19.44 -14.65 5.37
CA ARG D 242 -20.10 -13.72 6.26
C ARG D 242 -19.43 -13.69 7.62
N ARG D 243 -19.14 -14.87 8.18
CA ARG D 243 -18.54 -14.97 9.50
C ARG D 243 -17.16 -14.36 9.66
N LYS D 244 -16.49 -14.08 8.54
CA LYS D 244 -15.17 -13.45 8.56
C LYS D 244 -15.20 -11.93 8.74
N VAL D 245 -16.35 -11.32 8.50
CA VAL D 245 -16.45 -9.85 8.49
C VAL D 245 -16.57 -9.30 9.91
N PRO D 246 -15.56 -8.54 10.39
CA PRO D 246 -15.64 -8.03 11.77
C PRO D 246 -16.88 -7.19 12.11
N LEU D 247 -17.26 -6.29 11.21
CA LEU D 247 -18.38 -5.37 11.45
C LEU D 247 -19.69 -6.02 11.04
N GLY D 248 -20.25 -6.79 11.97
CA GLY D 248 -21.59 -7.33 11.80
C GLY D 248 -21.68 -8.74 11.26
N ARG D 249 -20.53 -9.35 10.90
CA ARG D 249 -20.54 -10.75 10.43
C ARG D 249 -21.57 -10.97 9.32
N ARG D 250 -21.59 -10.03 8.39
CA ARG D 250 -22.54 -10.00 7.31
C ARG D 250 -21.92 -9.29 6.14
N GLU D 251 -22.38 -9.62 4.94
CA GLU D 251 -21.93 -8.96 3.72
C GLU D 251 -22.55 -7.58 3.60
N ALA D 252 -21.88 -6.70 2.84
CA ALA D 252 -22.47 -5.40 2.51
C ALA D 252 -23.69 -5.59 1.64
N SER D 253 -24.72 -4.79 1.91
CA SER D 253 -25.82 -4.67 0.96
C SER D 253 -25.36 -3.93 -0.27
N ALA D 254 -26.09 -4.12 -1.37
CA ALA D 254 -25.82 -3.35 -2.59
C ALA D 254 -25.95 -1.84 -2.33
N GLU D 255 -26.93 -1.48 -1.49
CA GLU D 255 -27.20 -0.08 -1.20
C GLU D 255 -26.05 0.58 -0.43
N GLN D 256 -25.39 -0.20 0.41
CA GLN D 256 -24.23 0.31 1.16
C GLN D 256 -23.06 0.60 0.23
N ILE D 257 -22.85 -0.26 -0.76
CA ILE D 257 -21.85 -0.01 -1.79
C ILE D 257 -22.24 1.24 -2.58
N ALA D 258 -23.50 1.31 -3.00
CA ALA D 258 -24.01 2.48 -3.74
C ALA D 258 -23.83 3.80 -2.96
N ASP D 259 -24.03 3.77 -1.64
CA ASP D 259 -23.86 4.97 -0.81
C ASP D 259 -22.48 5.61 -1.01
N ALA D 260 -21.43 4.77 -1.09
CA ALA D 260 -20.07 5.30 -1.26
C ALA D 260 -19.88 5.89 -2.66
N VAL D 261 -20.51 5.28 -3.66
CA VAL D 261 -20.48 5.81 -5.02
C VAL D 261 -21.14 7.18 -5.06
N ILE D 262 -22.29 7.30 -4.43
CA ILE D 262 -23.02 8.56 -4.36
C ILE D 262 -22.19 9.64 -3.66
N PHE D 263 -21.52 9.30 -2.58
CA PHE D 263 -20.62 10.27 -1.97
C PHE D 263 -19.59 10.76 -2.95
N LEU D 264 -18.91 9.83 -3.64
CA LEU D 264 -17.80 10.22 -4.51
C LEU D 264 -18.23 11.09 -5.70
N VAL D 265 -19.45 10.91 -6.20
CA VAL D 265 -19.90 11.74 -7.33
CA VAL D 265 -19.98 11.71 -7.31
C VAL D 265 -20.45 13.09 -6.85
N SER D 266 -20.74 13.21 -5.55
CA SER D 266 -21.37 14.38 -4.96
C SER D 266 -20.48 15.62 -4.83
N GLY D 267 -21.13 16.74 -4.54
CA GLY D 267 -20.42 17.97 -4.20
C GLY D 267 -19.58 17.90 -2.93
N SER D 268 -19.79 16.89 -2.07
CA SER D 268 -19.01 16.73 -0.84
C SER D 268 -17.69 16.00 -1.06
N ALA D 269 -17.42 15.65 -2.33
CA ALA D 269 -16.16 14.98 -2.71
C ALA D 269 -15.39 15.78 -3.78
N GLN D 270 -15.63 17.08 -3.90
CA GLN D 270 -15.06 17.79 -5.05
CA GLN D 270 -15.07 17.93 -4.97
C GLN D 270 -13.55 18.00 -5.02
N TYR D 271 -12.88 17.71 -3.89
CA TYR D 271 -11.41 17.72 -3.85
C TYR D 271 -10.83 16.31 -3.85
N ILE D 272 -11.69 15.31 -3.99
CA ILE D 272 -11.25 13.95 -3.92
C ILE D 272 -11.06 13.39 -5.32
N THR D 273 -9.84 12.98 -5.61
CA THR D 273 -9.55 12.29 -6.88
C THR D 273 -8.38 11.34 -6.69
N GLY D 274 -8.44 10.20 -7.37
CA GLY D 274 -7.45 9.15 -7.19
C GLY D 274 -7.59 8.37 -5.89
N SER D 275 -8.73 8.48 -5.22
CA SER D 275 -8.96 7.79 -3.95
C SER D 275 -9.82 6.56 -4.17
N ILE D 276 -9.50 5.48 -3.45
CA ILE D 276 -10.33 4.28 -3.45
C ILE D 276 -10.82 4.01 -2.05
N ILE D 277 -12.13 4.06 -1.89
CA ILE D 277 -12.74 3.92 -0.57
C ILE D 277 -13.13 2.46 -0.37
N LYS D 278 -12.53 1.78 0.62
CA LYS D 278 -12.94 0.40 0.96
C LYS D 278 -14.28 0.48 1.65
N VAL D 279 -15.18 -0.43 1.30
CA VAL D 279 -16.46 -0.59 1.96
C VAL D 279 -16.54 -2.09 2.27
N ASP D 280 -15.81 -2.50 3.31
CA ASP D 280 -15.57 -3.91 3.56
C ASP D 280 -15.80 -4.40 4.98
N GLY D 281 -16.34 -3.56 5.87
CA GLY D 281 -16.65 -4.00 7.25
C GLY D 281 -15.43 -4.53 8.00
N GLY D 282 -14.25 -4.09 7.56
CA GLY D 282 -13.00 -4.53 8.13
C GLY D 282 -12.44 -5.84 7.64
N LEU D 283 -13.06 -6.47 6.64
CA LEU D 283 -12.63 -7.81 6.18
C LEU D 283 -11.16 -7.86 5.80
N SER D 284 -10.67 -6.83 5.10
CA SER D 284 -9.29 -6.81 4.63
C SER D 284 -8.28 -6.62 5.75
N LEU D 285 -8.74 -6.28 6.94
CA LEU D 285 -7.86 -6.15 8.10
C LEU D 285 -7.57 -7.47 8.82
N VAL D 286 -8.32 -8.53 8.47
CA VAL D 286 -8.32 -9.78 9.22
C VAL D 286 -7.26 -10.72 8.66
N HIS D 287 -6.28 -11.08 9.48
CA HIS D 287 -5.26 -12.03 9.07
C HIS D 287 -5.83 -13.44 8.85
N ALA D 288 -5.03 -14.27 8.18
CA ALA D 288 -5.36 -15.67 7.89
C ALA D 288 -5.69 -16.44 9.15
PA NAP E . 11.99 -10.87 20.56
O1A NAP E . 12.58 -12.18 20.97
O2A NAP E . 10.59 -10.67 20.95
O5B NAP E . 12.79 -9.63 21.19
C5B NAP E . 14.16 -9.45 20.82
C4B NAP E . 14.87 -8.72 21.93
O4B NAP E . 14.27 -7.45 22.13
C3B NAP E . 14.76 -9.37 23.31
O3B NAP E . 15.66 -10.43 23.43
C2B NAP E . 15.06 -8.20 24.22
O2B NAP E . 16.39 -8.22 24.76
C1B NAP E . 14.82 -6.97 23.30
N9A NAP E . 13.97 -6.04 24.06
C8A NAP E . 12.68 -6.18 24.49
N7A NAP E . 12.36 -5.12 25.27
C5A NAP E . 13.44 -4.30 25.33
C6A NAP E . 13.71 -3.09 26.02
N6A NAP E . 12.77 -2.49 26.77
N1A NAP E . 14.94 -2.54 25.89
C2A NAP E . 15.92 -3.12 25.10
N3A NAP E . 15.67 -4.32 24.46
C4A NAP E . 14.46 -4.88 24.60
O3 NAP E . 12.21 -10.62 19.00
PN NAP E . 12.24 -11.73 17.83
O1N NAP E . 13.55 -12.37 17.78
O2N NAP E . 11.03 -12.55 17.98
O5D NAP E . 12.01 -10.75 16.58
C5D NAP E . 13.06 -9.92 16.11
C4D NAP E . 12.48 -8.72 15.37
O4D NAP E . 11.70 -9.20 14.26
C3D NAP E . 11.57 -7.83 16.21
O3D NAP E . 11.75 -6.48 15.83
C2D NAP E . 10.18 -8.33 15.88
O2D NAP E . 9.18 -7.34 16.06
C1D NAP E . 10.38 -8.74 14.42
N1N NAP E . 9.39 -9.73 14.00
C2N NAP E . 9.48 -10.98 14.55
C3N NAP E . 8.52 -11.93 14.22
C7N NAP E . 8.61 -13.31 14.80
O7N NAP E . 7.78 -14.26 14.26
N7N NAP E . 9.47 -13.58 15.79
C4N NAP E . 7.48 -11.61 13.34
C5N NAP E . 7.42 -10.33 12.81
C6N NAP E . 8.38 -9.38 13.15
P2B NAP E . 16.76 -9.05 26.11
O1X NAP E . 18.24 -8.86 26.20
O2X NAP E . 16.37 -10.50 25.91
O3X NAP E . 16.02 -8.45 27.29
N1 MCV F . 8.55 -10.77 19.17
C2 MCV F . 8.50 -9.49 18.67
N3 MCV F . 7.69 -9.17 17.65
C4 MCV F . 6.94 -10.12 17.08
C5 MCV F . 6.96 -11.46 17.55
C6 MCV F . 7.81 -11.75 18.64
CAA MCV F . -0.04 -13.78 19.58
CAB MCV F . 2.26 -13.78 13.01
NAC MCV F . 9.20 -8.52 19.19
NAD MCV F . 7.90 -13.02 19.13
CAE MCV F . 0.86 -13.93 16.94
CAF MCV F . 1.33 -13.87 15.63
CAG MCV F . 5.39 -11.72 15.86
CAH MCV F . 3.08 -14.37 17.73
CAI MCV F . 5.06 -14.53 16.16
CAJ MCV F . 5.98 -13.82 17.17
OAM MCV F . 1.33 -14.23 19.31
OAN MCV F . 3.19 -14.01 14.11
SAO MCV F . 5.80 -10.04 15.84
CAP MCV F . 1.74 -14.19 18.00
CAR MCV F . 3.56 -14.31 16.42
CAT MCV F . 6.09 -12.33 16.85
CAU MCV F . 2.68 -14.06 15.38
C ACT G . 8.28 -26.71 12.40
O ACT G . 8.56 -25.94 11.46
OXT ACT G . 9.20 -26.95 13.26
CH3 ACT G . 6.94 -27.36 12.54
PA NAP H . 13.09 -2.18 -22.53
O1A NAP H . 14.44 -1.92 -23.04
O2A NAP H . 12.11 -1.08 -22.73
O5B NAP H . 12.45 -3.49 -23.16
C5B NAP H . 13.05 -4.73 -22.94
C4B NAP H . 12.73 -5.62 -24.12
O4B NAP H . 11.36 -5.86 -24.15
C3B NAP H . 13.04 -5.10 -25.51
O3B NAP H . 14.43 -5.24 -25.78
C2B NAP H . 12.12 -5.96 -26.36
O2B NAP H . 12.81 -7.02 -27.05
C1B NAP H . 11.10 -6.54 -25.35
N9A NAP H . 9.77 -6.34 -25.92
C8A NAP H . 9.16 -5.13 -26.17
N7A NAP H . 7.99 -5.35 -26.80
C5A NAP H . 7.85 -6.69 -26.98
C6A NAP H . 6.85 -7.46 -27.59
N6A NAP H . 5.76 -6.92 -28.15
N1A NAP H . 7.02 -8.79 -27.55
C2A NAP H . 8.15 -9.38 -27.01
N3A NAP H . 9.15 -8.64 -26.42
C4A NAP H . 8.99 -7.31 -26.43
O3 NAP H . 13.17 -2.57 -20.97
PN NAP H . 14.24 -2.05 -19.87
O1N NAP H . 15.50 -2.78 -20.03
O2N NAP H . 14.29 -0.56 -19.89
O5D NAP H . 13.47 -2.52 -18.56
C5D NAP H . 13.46 -3.88 -18.19
C4D NAP H . 12.25 -4.14 -17.30
O4D NAP H . 12.38 -3.32 -16.11
C3D NAP H . 10.90 -3.83 -17.96
O3D NAP H . 9.90 -4.73 -17.51
C2D NAP H . 10.58 -2.45 -17.46
O2D NAP H . 9.19 -2.13 -17.39
C1D NAP H . 11.21 -2.48 -16.06
N1N NAP H . 11.55 -1.09 -15.64
C2N NAP H . 12.58 -0.42 -16.28
C3N NAP H . 12.84 0.88 -15.88
C7N NAP H . 13.96 1.61 -16.54
O7N NAP H . 14.31 2.76 -15.94
N7N NAP H . 14.59 1.14 -17.64
C4N NAP H . 12.09 1.48 -14.86
C5N NAP H . 11.07 0.77 -14.26
C6N NAP H . 10.80 -0.53 -14.65
P2B NAP H . 13.53 -6.85 -28.47
O1X NAP H . 14.15 -8.19 -28.80
O2X NAP H . 14.52 -5.73 -28.35
O3X NAP H . 12.50 -6.38 -29.48
N1 MCV I . 11.25 0.50 -20.69
C2 MCV I . 10.22 -0.17 -20.11
N3 MCV I . 9.69 0.28 -18.97
C4 MCV I . 10.18 1.38 -18.41
C5 MCV I . 11.24 2.13 -18.99
C6 MCV I . 11.80 1.63 -20.19
CAA MCV I . 9.31 9.36 -20.51
CAB MCV I . 10.88 6.70 -14.21
NAC MCV I . 9.70 -1.31 -20.59
NAD MCV I . 12.84 2.31 -20.81
CAE MCV I . 10.15 8.61 -17.91
CAF MCV I . 10.49 8.08 -16.66
CAG MCV I . 10.85 3.45 -17.13
CAH MCV I . 11.65 7.05 -18.94
CAI MCV I . 13.02 5.37 -17.68
CAJ MCV I . 12.76 4.22 -18.70
OAM MCV I . 10.48 8.53 -20.34
OAN MCV I . 11.77 6.48 -15.34
SAO MCV I . 9.70 2.16 -17.02
CAP MCV I . 10.74 8.08 -19.08
CAR MCV I . 11.99 6.51 -17.69
CAT MCV I . 11.61 3.29 -18.26
CAU MCV I . 11.42 7.03 -16.54
C ACT J . 22.10 12.38 -26.24
O ACT J . 22.07 13.32 -25.43
OXT ACT J . 23.12 11.68 -26.26
CH3 ACT J . 20.93 12.08 -27.13
C ACT K . 17.69 -16.90 -34.23
O ACT K . 18.37 -17.96 -34.17
OXT ACT K . 16.62 -16.91 -33.53
CH3 ACT K . 18.08 -15.71 -35.07
PA NAP L . -3.00 22.42 13.11
O1A NAP L . -3.52 23.78 12.90
O2A NAP L . -1.55 22.24 12.86
O5B NAP L . -3.28 21.90 14.61
C5B NAP L . -4.61 21.88 15.07
C4B NAP L . -4.64 22.04 16.56
O4B NAP L . -3.95 20.97 17.19
C3B NAP L . -4.01 23.32 17.08
O3B NAP L . -4.87 24.43 16.92
C2B NAP L . -3.76 22.94 18.53
O2B NAP L . -4.74 23.44 19.42
C1B NAP L . -3.79 21.40 18.52
N9A NAP L . -2.55 20.98 19.17
C8A NAP L . -1.24 21.14 18.76
N7A NAP L . -0.42 20.66 19.73
C5A NAP L . -1.19 20.20 20.76
C6A NAP L . -0.89 19.64 21.99
N6A NAP L . 0.36 19.43 22.43
N1A NAP L . -1.95 19.32 22.79
C2A NAP L . -3.27 19.50 22.42
N3A NAP L . -3.58 20.07 21.20
C4A NAP L . -2.54 20.41 20.40
O3 NAP L . -3.86 21.38 12.28
PN NAP L . -4.56 21.56 10.85
O1N NAP L . -5.88 22.18 11.01
O2N NAP L . -3.60 22.11 9.91
O5D NAP L . -4.78 20.03 10.45
C5D NAP L . -5.77 19.26 11.11
C4D NAP L . -5.41 17.78 10.99
O4D NAP L . -5.25 17.42 9.60
C3D NAP L . -4.08 17.43 11.69
O3D NAP L . -4.21 16.15 12.28
C2D NAP L . -3.07 17.42 10.56
O2D NAP L . -1.92 16.59 10.77
C1D NAP L . -3.96 16.91 9.41
N1N NAP L . -3.41 17.37 8.13
C2N NAP L . -3.49 18.70 7.82
C3N NAP L . -2.94 19.09 6.61
C7N NAP L . -2.99 20.55 6.23
O7N NAP L . -2.59 20.82 4.97
N7N NAP L . -3.38 21.50 7.10
C4N NAP L . -2.35 18.16 5.76
C5N NAP L . -2.29 16.82 6.11
C6N NAP L . -2.85 16.43 7.31
P2B NAP L . -4.61 24.85 20.18
O1X NAP L . -4.57 25.85 19.04
O2X NAP L . -3.34 24.90 20.97
O3X NAP L . -5.88 24.98 21.00
N1 MCV M . -0.59 20.94 10.66
C2 MCV M . -0.52 19.65 11.04
N3 MCV M . -0.19 18.69 10.16
C4 MCV M . 0.09 19.03 8.89
C5 MCV M . 0.03 20.38 8.44
C6 MCV M . -0.33 21.35 9.38
CAA MCV M . 6.86 22.16 5.28
CAB MCV M . 1.89 18.77 2.06
NAC MCV M . -0.78 19.28 12.30
NAD MCV M . -0.40 22.65 9.06
CAE MCV M . 4.82 20.99 3.86
CAF MCV M . 3.80 20.31 3.20
CAG MCV M . 0.66 19.35 6.46
CAH MCV M . 3.17 22.14 5.18
CAI MCV M . 0.67 21.75 4.85
CAJ MCV M . 0.36 21.86 6.37
OAM MCV M . 5.50 22.59 5.55
OAN MCV M . 1.45 19.88 2.87
SAO MCV M . 0.53 18.09 7.61
CAP MCV M . 4.51 21.91 4.87
CAR MCV M . 2.14 21.46 4.51
CAT MCV M . 0.36 20.51 7.07
CAU MCV M . 2.46 20.55 3.51
PA NAP N . -21.60 -9.13 -10.91
O1A NAP N . -22.99 -9.45 -10.56
O2A NAP N . -20.64 -10.28 -10.82
O5B NAP N . -21.50 -8.49 -12.39
C5B NAP N . -22.20 -7.31 -12.70
C4B NAP N . -22.55 -7.35 -14.17
O4B NAP N . -21.37 -7.37 -14.95
C3B NAP N . -23.34 -8.57 -14.62
O3B NAP N . -24.71 -8.47 -14.26
C2B NAP N . -23.05 -8.53 -16.12
O2B NAP N . -24.15 -7.99 -16.84
C1B NAP N . -21.78 -7.66 -16.25
N9A NAP N . -20.83 -8.40 -17.07
C8A NAP N . -20.21 -9.61 -16.82
N7A NAP N . -19.50 -9.93 -17.93
C5A NAP N . -19.70 -8.97 -18.89
C6A NAP N . -19.26 -8.81 -20.19
N6A NAP N . -18.48 -9.70 -20.81
N1A NAP N . -19.68 -7.69 -20.86
C2A NAP N . -20.49 -6.73 -20.28
N3A NAP N . -20.94 -6.89 -19.00
C4A NAP N . -20.55 -8.02 -18.34
O3 NAP N . -21.12 -7.86 -10.03
PN NAP N . -21.55 -7.53 -8.51
O1N NAP N . -22.82 -6.77 -8.49
O2N NAP N . -21.33 -8.76 -7.71
O5D NAP N . -20.35 -6.52 -8.19
C5D NAP N . -20.31 -5.19 -8.66
C4D NAP N . -18.87 -4.68 -8.76
O4D NAP N . -18.26 -4.65 -7.48
C3D NAP N . -17.98 -5.54 -9.66
O3D NAP N . -17.05 -4.72 -10.34
C2D NAP N . -17.24 -6.42 -8.68
O2D NAP N . -15.97 -6.89 -9.14
C1D NAP N . -17.13 -5.48 -7.49
N1N NAP N . -17.03 -6.26 -6.26
C2N NAP N . -18.08 -7.02 -5.86
C3N NAP N . -17.99 -7.77 -4.69
C7N NAP N . -19.17 -8.59 -4.26
O7N NAP N . -19.05 -9.23 -3.05
N7N NAP N . -20.28 -8.75 -4.99
C4N NAP N . -16.78 -7.76 -3.96
C5N NAP N . -15.72 -7.00 -4.41
C6N NAP N . -15.84 -6.23 -5.58
P2B NAP N . -25.38 -8.87 -17.44
O1X NAP N . -24.87 -9.93 -18.38
O2X NAP N . -26.04 -9.54 -16.25
O3X NAP N . -26.29 -7.89 -18.13
N1 MCV O . -18.80 -10.47 -8.89
C2 MCV O . -17.76 -9.77 -9.37
N3 MCV O . -16.68 -9.56 -8.62
C4 MCV O . -16.62 -10.01 -7.38
C5 MCV O . -17.69 -10.77 -6.83
C6 MCV O . -18.82 -10.98 -7.65
CAA MCV O . -14.98 -17.53 -4.37
CAB MCV O . -14.57 -11.70 -0.86
NAC MCV O . -17.79 -9.29 -10.58
NAD MCV O . -19.89 -11.68 -7.25
CAE MCV O . -14.97 -15.27 -2.85
CAF MCV O . -14.92 -14.08 -2.14
CAG MCV O . -16.22 -10.81 -5.02
CAH MCV O . -17.03 -14.52 -3.84
CAI MCV O . -18.05 -12.26 -3.27
CAJ MCV O . -18.49 -12.03 -4.74
OAM MCV O . -16.14 -16.66 -4.45
OAN MCV O . -15.84 -11.95 -1.56
SAO MCV O . -15.42 -9.90 -6.26
CAP MCV O . -16.04 -15.49 -3.72
CAR MCV O . -16.96 -13.32 -3.12
CAT MCV O . -17.44 -11.20 -5.50
CAU MCV O . -15.90 -13.11 -2.27
C ACT P . -11.14 -18.56 -1.95
O ACT P . -11.60 -18.56 -3.13
OXT ACT P . -9.93 -18.22 -1.76
CH3 ACT P . -12.01 -18.95 -0.80
#